data_1JNQ
#
_entry.id   1JNQ
#
_cell.length_a   112.730
_cell.length_b   137.270
_cell.length_c   61.88
_cell.angle_alpha   90.00
_cell.angle_beta   95.53
_cell.angle_gamma   90.00
#
_symmetry.space_group_name_H-M   'C 1 2 1'
#
loop_
_entity.id
_entity.type
_entity.pdbx_description
1 polymer lipoxygenase-3
2 non-polymer 'FE (II) ION'
3 non-polymer 2-(3,4,5-TRIHYDROXY-PHENYL)-CHROMAN-3,5,7-TRIOL
4 water water
#
_entity_poly.entity_id   1
_entity_poly.type   'polypeptide(L)'
_entity_poly.pdbx_seq_one_letter_code
;MLGGLLHRGHKIKGTVVLMRKNVLDVNSVTSVGGIIGQGLDLVGSTLDTLTAFLGRSVSLQLISATKADANGKGKLGKAT
FLEGIITSLPTLGAGQSAFKINFEWDDGSGIPGAFYIKNFMQTEFFLVSLTLEDIPNHGSIHFVCNSWIYNAKLFKSDRI
FFANQTYLPSETPAPLVKYREEELHNLRGDGTGERKEWERIYDYDVYNDLGDPDKGENHARPVLGGNDTFPYPRRGRTGR
KPTRKDPNSESRSNDVYLPRDEAFGHLKSSDFLTYGLKSVSQNVLPLLQSAFDLNFTPREFDSFDEVHGLYSGGIKLPTD
IISKISPLPVLKEIFRTDGEQALKFPPPKVIQVSKSAWMTDEEFAREMLAGVNPNLIRCLKDFPPRSKLDSQVYGDHTSQ
ITKEHLEPNLEGLTVDEAIQNKRLFLLDHHDPIMPYLRRINATSTKAYATRTILFLKNDGTLRPLAIELSLPHPQGDQSG
AFSQVFLPADEGVESSIWLLAKAYVVVNDSCYHQLVSHWLNTHAVVEPFIIATNRHLSVVHPIYKLLHPHYRDTMNINGL
ARLSLVNDGGVIEQTFLWGRYSVEMSAVVYKDWVFTDQALPADLIKRGMAIEDPSCPHGIRLVIEDYPYTVDGLEIWDAI
KTWVHEYVFLYYKSDDTLREDPELQACWKELVEVGHGDKKNEPWWPKMQTREELVEACAIIIWTASALHAAVNFGQYPYG
GLILNRPTLSRRFMPEKGSAEYEELRKNPQKAYLKTITPKFQTLIDLSVIEILSRHASDEVYLGERDNPNWTSDTRALEA
FKRFGNKLAQIENKLSERNNDEKLRNRCGPVQMPYTLLLPSSKEGLTFRGIPNSISI
;
_entity_poly.pdbx_strand_id   A
#
# COMPACT_ATOMS: atom_id res chain seq x y z
N GLY A 9 -13.41 46.35 -24.46
CA GLY A 9 -13.55 45.10 -25.26
C GLY A 9 -12.28 44.27 -25.30
N HIS A 10 -12.46 42.95 -25.51
CA HIS A 10 -11.38 41.96 -25.61
C HIS A 10 -11.89 40.58 -25.22
N LYS A 11 -11.33 39.55 -25.87
CA LYS A 11 -11.73 38.18 -25.60
C LYS A 11 -10.55 37.23 -25.46
N ILE A 12 -10.42 36.67 -24.26
CA ILE A 12 -9.37 35.69 -23.94
C ILE A 12 -9.87 34.34 -24.42
N LYS A 13 -8.98 33.57 -25.03
CA LYS A 13 -9.31 32.26 -25.56
C LYS A 13 -9.02 31.12 -24.59
N GLY A 14 -10.03 30.28 -24.36
CA GLY A 14 -9.88 29.15 -23.48
C GLY A 14 -10.15 27.82 -24.15
N THR A 15 -9.42 26.79 -23.72
CA THR A 15 -9.60 25.44 -24.22
C THR A 15 -9.88 24.63 -22.96
N VAL A 16 -11.08 24.05 -22.88
CA VAL A 16 -11.47 23.26 -21.73
C VAL A 16 -11.35 21.78 -22.07
N VAL A 17 -10.55 21.05 -21.30
CA VAL A 17 -10.39 19.63 -21.54
C VAL A 17 -11.07 18.88 -20.40
N LEU A 18 -11.98 17.98 -20.77
CA LEU A 18 -12.71 17.18 -19.77
C LEU A 18 -12.92 15.75 -20.27
N MET A 19 -13.40 14.89 -19.38
CA MET A 19 -13.66 13.51 -19.73
C MET A 19 -15.04 13.15 -19.21
N ARG A 20 -15.88 12.62 -20.09
CA ARG A 20 -17.24 12.21 -19.71
C ARG A 20 -17.20 11.01 -18.75
N LYS A 21 -18.27 10.83 -17.98
CA LYS A 21 -18.37 9.73 -17.01
C LYS A 21 -18.24 8.38 -17.70
N ASN A 22 -18.91 8.23 -18.84
CA ASN A 22 -18.91 7.00 -19.63
C ASN A 22 -17.52 6.48 -19.98
N VAL A 23 -16.56 7.38 -20.03
CA VAL A 23 -15.20 7.05 -20.36
C VAL A 23 -14.42 6.52 -19.15
N LEU A 24 -14.84 6.89 -17.94
CA LEU A 24 -14.14 6.49 -16.73
C LEU A 24 -14.84 5.60 -15.69
N ASP A 25 -16.14 5.33 -15.85
CA ASP A 25 -16.84 4.51 -14.85
C ASP A 25 -16.95 3.03 -15.17
N VAL A 26 -16.68 2.18 -14.17
CA VAL A 26 -16.70 0.73 -14.32
C VAL A 26 -17.93 0.08 -14.94
N ASN A 27 -19.10 0.37 -14.37
CA ASN A 27 -20.35 -0.21 -14.89
C ASN A 27 -20.49 -0.01 -16.41
N SER A 28 -20.11 1.17 -16.89
CA SER A 28 -20.17 1.49 -18.31
C SER A 28 -18.93 0.97 -19.04
N VAL A 29 -17.76 1.10 -18.40
CA VAL A 29 -16.48 0.63 -18.96
C VAL A 29 -16.43 -0.92 -19.06
N THR A 30 -17.59 -1.56 -18.90
CA THR A 30 -17.72 -3.01 -19.00
C THR A 30 -17.39 -3.46 -20.44
N SER A 31 -17.34 -2.49 -21.34
CA SER A 31 -17.07 -2.72 -22.76
C SER A 31 -15.60 -2.55 -23.19
N VAL A 32 -14.70 -2.40 -22.23
CA VAL A 32 -13.27 -2.24 -22.53
C VAL A 32 -12.49 -3.51 -22.17
N GLY A 33 -13.08 -4.67 -22.52
CA GLY A 33 -12.45 -5.96 -22.24
C GLY A 33 -11.30 -6.22 -23.19
N GLY A 34 -10.56 -5.17 -23.53
CA GLY A 34 -9.43 -5.28 -24.42
C GLY A 34 -8.47 -4.11 -24.26
N ILE A 35 -7.51 -4.04 -25.18
CA ILE A 35 -6.47 -3.00 -25.16
C ILE A 35 -6.89 -1.63 -25.66
N ILE A 36 -6.97 -0.68 -24.72
CA ILE A 36 -7.34 0.69 -25.03
C ILE A 36 -6.30 1.62 -24.42
N GLY A 37 -5.09 1.54 -24.96
CA GLY A 37 -4.02 2.42 -24.51
C GLY A 37 -4.18 3.71 -25.29
N GLN A 38 -5.17 3.68 -26.20
CA GLN A 38 -5.52 4.78 -27.08
C GLN A 38 -6.78 4.39 -27.89
N GLY A 39 -6.57 4.06 -29.16
CA GLY A 39 -7.67 3.68 -30.02
C GLY A 39 -8.34 4.90 -30.62
N LEU A 40 -7.55 5.66 -31.38
CA LEU A 40 -8.00 6.88 -32.06
C LEU A 40 -8.05 8.09 -31.14
N ASP A 41 -7.93 7.86 -29.82
CA ASP A 41 -7.99 8.94 -28.83
C ASP A 41 -9.31 9.67 -28.97
N LEU A 42 -10.36 8.92 -29.33
CA LEU A 42 -11.71 9.47 -29.54
C LEU A 42 -12.07 10.66 -28.66
N VAL A 43 -11.89 11.84 -29.26
CA VAL A 43 -12.12 13.16 -28.67
C VAL A 43 -13.52 13.45 -28.14
N GLY A 44 -14.52 12.69 -28.58
CA GLY A 44 -15.88 12.96 -28.15
C GLY A 44 -16.42 13.97 -29.14
N SER A 45 -15.48 14.71 -29.74
CA SER A 45 -15.77 15.69 -30.79
C SER A 45 -16.04 14.82 -32.02
N THR A 46 -15.87 13.52 -31.80
CA THR A 46 -16.09 12.45 -32.75
C THR A 46 -17.43 11.92 -32.23
N LEU A 47 -18.35 11.56 -33.12
CA LEU A 47 -19.68 11.09 -32.71
C LEU A 47 -20.19 12.10 -31.69
N ASP A 48 -20.32 13.34 -32.14
CA ASP A 48 -20.75 14.47 -31.33
C ASP A 48 -21.91 14.31 -30.37
N THR A 49 -21.55 13.82 -29.19
CA THR A 49 -22.46 13.63 -28.07
C THR A 49 -22.10 14.83 -27.18
N LEU A 50 -21.02 15.50 -27.58
CA LEU A 50 -20.48 16.65 -26.88
C LEU A 50 -21.19 17.96 -27.15
N THR A 51 -22.31 17.91 -27.85
CA THR A 51 -23.07 19.12 -28.12
C THR A 51 -23.89 19.42 -26.86
N ALA A 52 -24.11 18.39 -26.05
CA ALA A 52 -24.85 18.51 -24.79
C ALA A 52 -24.21 19.51 -23.82
N PHE A 53 -22.90 19.72 -23.96
CA PHE A 53 -22.17 20.66 -23.12
C PHE A 53 -22.19 22.03 -23.76
N LEU A 54 -22.90 22.15 -24.88
CA LEU A 54 -22.95 23.39 -25.62
C LEU A 54 -24.10 24.34 -25.34
N GLY A 55 -25.22 23.82 -24.87
CA GLY A 55 -26.36 24.70 -24.61
C GLY A 55 -26.01 25.76 -23.59
N ARG A 56 -26.72 25.70 -22.47
CA ARG A 56 -26.50 26.62 -21.36
C ARG A 56 -26.01 25.72 -20.24
N SER A 57 -25.35 24.64 -20.64
CA SER A 57 -24.85 23.59 -19.76
C SER A 57 -23.73 23.85 -18.75
N VAL A 58 -22.64 24.47 -19.20
CA VAL A 58 -21.52 24.69 -18.30
C VAL A 58 -20.96 26.11 -18.37
N SER A 59 -20.91 26.77 -17.20
CA SER A 59 -20.40 28.14 -17.14
C SER A 59 -19.12 28.30 -16.33
N LEU A 60 -18.17 29.05 -16.90
CA LEU A 60 -16.91 29.33 -16.22
C LEU A 60 -16.86 30.83 -15.95
N GLN A 61 -16.29 31.18 -14.82
CA GLN A 61 -16.16 32.56 -14.39
C GLN A 61 -14.76 32.83 -13.88
N LEU A 62 -13.96 33.54 -14.67
CA LEU A 62 -12.59 33.87 -14.30
C LEU A 62 -12.49 34.80 -13.10
N ILE A 63 -11.41 34.64 -12.34
CA ILE A 63 -11.18 35.41 -11.15
C ILE A 63 -9.83 36.10 -11.27
N SER A 64 -9.77 37.37 -10.91
CA SER A 64 -8.55 38.17 -11.00
C SER A 64 -7.54 37.88 -9.90
N ALA A 65 -6.27 37.90 -10.27
CA ALA A 65 -5.17 37.64 -9.34
C ALA A 65 -4.39 38.89 -8.95
N THR A 66 -4.55 39.96 -9.73
CA THR A 66 -3.83 41.21 -9.46
C THR A 66 -4.74 42.40 -9.17
N LYS A 67 -6.05 42.21 -9.19
CA LYS A 67 -6.97 43.31 -8.93
C LYS A 67 -8.13 42.91 -8.03
N ALA A 68 -8.10 43.43 -6.80
CA ALA A 68 -9.13 43.17 -5.79
C ALA A 68 -10.27 44.18 -5.79
N ASP A 69 -11.38 43.80 -5.16
CA ASP A 69 -12.55 44.66 -5.07
C ASP A 69 -12.49 45.59 -3.86
N ALA A 70 -13.65 45.89 -3.30
CA ALA A 70 -13.78 46.76 -2.14
C ALA A 70 -13.17 46.13 -0.89
N ASN A 71 -13.75 45.03 -0.44
CA ASN A 71 -13.30 44.33 0.75
C ASN A 71 -12.50 43.02 0.49
N GLY A 72 -11.21 43.18 0.20
CA GLY A 72 -10.33 42.05 -0.04
C GLY A 72 -10.39 41.26 -1.34
N LYS A 73 -11.40 40.40 -1.48
CA LYS A 73 -11.63 39.50 -2.63
C LYS A 73 -11.19 39.88 -4.05
N GLY A 74 -10.93 38.85 -4.85
CA GLY A 74 -10.53 39.01 -6.24
C GLY A 74 -11.73 39.46 -7.07
N LYS A 75 -11.55 39.68 -8.37
CA LYS A 75 -12.67 40.17 -9.18
C LYS A 75 -13.21 39.28 -10.30
N LEU A 76 -14.49 38.94 -10.17
CA LEU A 76 -15.20 38.07 -11.12
C LEU A 76 -15.39 38.70 -12.50
N GLY A 77 -15.13 37.91 -13.54
CA GLY A 77 -15.28 38.40 -14.89
C GLY A 77 -16.37 37.76 -15.73
N LYS A 78 -17.61 37.87 -15.27
CA LYS A 78 -18.77 37.34 -15.98
C LYS A 78 -18.78 35.81 -16.07
N ALA A 79 -19.98 35.26 -16.21
CA ALA A 79 -20.09 33.83 -16.36
C ALA A 79 -20.22 33.61 -17.86
N THR A 80 -19.39 32.70 -18.39
CA THR A 80 -19.40 32.39 -19.81
C THR A 80 -19.67 30.89 -19.98
N PHE A 81 -20.59 30.58 -20.88
CA PHE A 81 -20.92 29.19 -21.12
C PHE A 81 -20.06 28.62 -22.26
N LEU A 82 -19.85 27.31 -22.25
CA LEU A 82 -19.04 26.66 -23.26
C LEU A 82 -19.55 26.89 -24.68
N GLU A 83 -18.71 26.55 -25.66
CA GLU A 83 -19.03 26.71 -27.07
C GLU A 83 -18.10 25.88 -27.92
N GLY A 84 -18.67 25.19 -28.90
CA GLY A 84 -17.90 24.38 -29.82
C GLY A 84 -16.89 23.41 -29.28
N ILE A 85 -16.71 22.31 -30.01
CA ILE A 85 -15.73 21.32 -29.64
C ILE A 85 -14.59 21.50 -30.58
N ILE A 86 -13.39 21.42 -30.01
CA ILE A 86 -12.20 21.50 -30.82
C ILE A 86 -12.02 20.01 -31.09
N THR A 87 -12.24 19.62 -32.35
CA THR A 87 -12.15 18.23 -32.77
C THR A 87 -10.79 17.55 -32.63
N SER A 88 -9.71 18.32 -32.67
CA SER A 88 -8.38 17.72 -32.53
C SER A 88 -7.35 18.71 -32.05
N LEU A 89 -6.49 18.24 -31.15
CA LEU A 89 -5.39 19.02 -30.56
C LEU A 89 -4.21 18.04 -30.58
N PRO A 90 -2.97 18.54 -30.80
CA PRO A 90 -1.82 17.62 -30.81
C PRO A 90 -1.58 16.94 -29.45
N THR A 91 -1.94 17.66 -28.39
CA THR A 91 -1.76 17.21 -27.02
C THR A 91 -3.03 16.58 -26.40
N LEU A 92 -3.95 16.13 -27.25
CA LEU A 92 -5.20 15.52 -26.79
C LEU A 92 -5.08 14.03 -26.56
N GLY A 93 -5.57 13.59 -25.40
CA GLY A 93 -5.50 12.17 -25.06
C GLY A 93 -6.77 11.38 -25.28
N ALA A 94 -6.67 10.06 -25.10
CA ALA A 94 -7.81 9.17 -25.28
C ALA A 94 -8.87 9.41 -24.21
N GLY A 95 -10.13 9.36 -24.63
CA GLY A 95 -11.22 9.58 -23.70
C GLY A 95 -11.47 11.04 -23.38
N GLN A 96 -10.57 11.91 -23.82
CA GLN A 96 -10.67 13.36 -23.56
C GLN A 96 -11.47 14.12 -24.61
N SER A 97 -12.14 15.17 -24.16
CA SER A 97 -12.96 16.02 -25.01
C SER A 97 -12.56 17.48 -24.77
N ALA A 98 -12.31 18.23 -25.83
CA ALA A 98 -11.90 19.63 -25.70
C ALA A 98 -12.95 20.63 -26.24
N PHE A 99 -13.09 21.77 -25.54
CA PHE A 99 -14.07 22.79 -25.91
C PHE A 99 -13.43 24.17 -25.89
N LYS A 100 -13.89 25.05 -26.77
CA LYS A 100 -13.39 26.42 -26.87
C LYS A 100 -14.32 27.40 -26.16
N ILE A 101 -13.74 28.41 -25.51
CA ILE A 101 -14.52 29.40 -24.78
C ILE A 101 -13.73 30.72 -24.72
N ASN A 102 -14.37 31.81 -25.14
CA ASN A 102 -13.75 33.12 -25.14
C ASN A 102 -14.33 34.00 -24.04
N PHE A 103 -13.53 34.32 -23.04
CA PHE A 103 -13.93 35.14 -21.91
C PHE A 103 -13.72 36.61 -22.20
N GLU A 104 -14.67 37.44 -21.81
CA GLU A 104 -14.51 38.87 -22.01
C GLU A 104 -13.65 39.38 -20.86
N TRP A 105 -12.42 39.79 -21.16
CA TRP A 105 -11.54 40.32 -20.14
C TRP A 105 -11.21 41.76 -20.52
N ASP A 106 -10.50 42.47 -19.64
CA ASP A 106 -10.13 43.85 -19.90
C ASP A 106 -9.20 44.37 -18.82
N ASP A 107 -8.00 44.80 -19.21
CA ASP A 107 -7.04 45.31 -18.24
C ASP A 107 -7.72 46.29 -17.28
N GLY A 108 -7.38 46.13 -16.00
CA GLY A 108 -8.00 46.90 -14.94
C GLY A 108 -8.72 45.79 -14.19
N SER A 109 -9.02 44.75 -14.96
CA SER A 109 -9.63 43.52 -14.51
C SER A 109 -8.46 42.55 -14.70
N GLY A 110 -7.31 42.96 -14.16
CA GLY A 110 -6.05 42.25 -14.20
C GLY A 110 -5.77 40.94 -14.93
N ILE A 111 -4.94 40.13 -14.29
CA ILE A 111 -4.52 38.83 -14.79
C ILE A 111 -5.21 37.74 -13.97
N PRO A 112 -5.84 36.76 -14.65
CA PRO A 112 -6.57 35.62 -14.04
C PRO A 112 -5.67 34.62 -13.28
N GLY A 113 -6.19 34.08 -12.18
CA GLY A 113 -5.42 33.13 -11.39
C GLY A 113 -6.27 32.03 -10.77
N ALA A 114 -7.56 32.01 -11.10
CA ALA A 114 -8.51 31.02 -10.58
C ALA A 114 -9.81 31.16 -11.33
N PHE A 115 -10.72 30.19 -11.18
CA PHE A 115 -12.01 30.27 -11.86
C PHE A 115 -13.07 29.39 -11.21
N TYR A 116 -14.32 29.84 -11.27
CA TYR A 116 -15.44 29.07 -10.73
C TYR A 116 -16.05 28.30 -11.87
N ILE A 117 -16.57 27.11 -11.57
CA ILE A 117 -17.20 26.33 -12.61
C ILE A 117 -18.55 25.83 -12.10
N LYS A 118 -19.55 25.91 -12.96
CA LYS A 118 -20.88 25.44 -12.63
C LYS A 118 -21.30 24.42 -13.66
N ASN A 119 -21.72 23.25 -13.19
CA ASN A 119 -22.18 22.17 -14.05
C ASN A 119 -23.69 22.14 -13.86
N PHE A 120 -24.44 22.25 -14.95
CA PHE A 120 -25.90 22.24 -14.86
C PHE A 120 -26.49 20.95 -15.42
N MET A 121 -25.63 20.15 -16.03
CA MET A 121 -26.02 18.91 -16.70
C MET A 121 -26.53 17.68 -15.95
N GLN A 122 -26.65 17.73 -14.64
CA GLN A 122 -27.12 16.54 -13.89
C GLN A 122 -26.00 15.49 -13.80
N THR A 123 -25.69 14.80 -14.90
CA THR A 123 -24.61 13.79 -14.90
C THR A 123 -23.26 14.52 -14.83
N GLU A 124 -22.45 14.15 -13.84
CA GLU A 124 -21.13 14.76 -13.62
C GLU A 124 -20.07 14.41 -14.67
N PHE A 125 -19.00 15.18 -14.68
CA PHE A 125 -17.89 14.93 -15.60
C PHE A 125 -16.56 15.23 -14.91
N PHE A 126 -15.47 14.76 -15.52
CA PHE A 126 -14.14 14.94 -14.98
C PHE A 126 -13.39 16.05 -15.69
N LEU A 127 -13.31 17.23 -15.07
CA LEU A 127 -12.59 18.37 -15.65
C LEU A 127 -11.08 18.11 -15.58
N VAL A 128 -10.43 18.05 -16.75
CA VAL A 128 -8.99 17.81 -16.82
C VAL A 128 -8.17 19.10 -16.60
N SER A 129 -8.31 20.04 -17.53
CA SER A 129 -7.56 21.28 -17.45
C SER A 129 -8.24 22.45 -18.18
N LEU A 130 -7.69 23.64 -17.97
CA LEU A 130 -8.15 24.88 -18.63
C LEU A 130 -6.86 25.60 -19.02
N THR A 131 -6.85 26.23 -20.19
CA THR A 131 -5.67 26.96 -20.66
C THR A 131 -6.15 28.27 -21.25
N LEU A 132 -5.56 29.37 -20.79
CA LEU A 132 -5.91 30.71 -21.26
C LEU A 132 -4.77 31.24 -22.13
N GLU A 133 -5.11 31.85 -23.27
CA GLU A 133 -4.10 32.40 -24.18
C GLU A 133 -4.05 33.94 -24.13
N ASP A 134 -3.92 34.42 -22.89
CA ASP A 134 -3.82 35.81 -22.44
C ASP A 134 -3.96 37.05 -23.33
N ILE A 135 -3.53 38.20 -22.76
CA ILE A 135 -3.54 39.53 -23.40
C ILE A 135 -2.29 40.35 -22.98
N PRO A 136 -2.05 40.52 -21.66
CA PRO A 136 -0.84 41.29 -21.30
C PRO A 136 0.39 40.44 -21.62
N ASN A 137 1.49 40.67 -20.90
CA ASN A 137 2.72 39.92 -21.18
C ASN A 137 2.77 38.50 -20.61
N HIS A 138 1.74 37.70 -20.91
CA HIS A 138 1.72 36.31 -20.44
C HIS A 138 1.50 35.30 -21.53
N GLY A 139 2.17 34.16 -21.39
CA GLY A 139 1.99 33.07 -22.32
C GLY A 139 0.73 32.39 -21.83
N SER A 140 0.56 31.13 -22.20
CA SER A 140 -0.63 30.40 -21.76
C SER A 140 -0.63 30.16 -20.24
N ILE A 141 -1.76 30.51 -19.60
CA ILE A 141 -1.93 30.28 -18.16
C ILE A 141 -2.63 28.94 -18.09
N HIS A 142 -1.97 27.95 -17.47
CA HIS A 142 -2.54 26.62 -17.37
C HIS A 142 -3.11 26.31 -16.00
N PHE A 143 -4.29 25.70 -15.99
CA PHE A 143 -4.98 25.30 -14.78
C PHE A 143 -5.03 23.79 -14.84
N VAL A 144 -4.40 23.11 -13.89
CA VAL A 144 -4.42 21.65 -13.83
C VAL A 144 -5.54 21.35 -12.84
N CYS A 145 -6.62 20.76 -13.32
CA CYS A 145 -7.79 20.50 -12.49
C CYS A 145 -7.99 19.10 -11.95
N ASN A 146 -8.06 18.10 -12.83
CA ASN A 146 -8.26 16.70 -12.46
C ASN A 146 -9.29 16.47 -11.33
N SER A 147 -10.49 17.01 -11.51
CA SER A 147 -11.54 16.91 -10.50
C SER A 147 -12.92 16.70 -11.09
N TRP A 148 -13.73 15.89 -10.41
CA TRP A 148 -15.10 15.59 -10.84
C TRP A 148 -16.04 16.73 -10.46
N ILE A 149 -16.75 17.25 -11.46
CA ILE A 149 -17.68 18.36 -11.25
C ILE A 149 -19.12 17.87 -11.26
N TYR A 150 -19.79 17.95 -10.11
CA TYR A 150 -21.20 17.53 -10.01
C TYR A 150 -22.14 18.70 -10.25
N ASN A 151 -23.43 18.43 -10.39
CA ASN A 151 -24.42 19.50 -10.61
C ASN A 151 -24.19 20.63 -9.58
N ALA A 152 -24.30 21.88 -10.03
CA ALA A 152 -24.04 23.05 -9.17
C ALA A 152 -24.96 23.36 -7.97
N LYS A 153 -26.17 22.80 -7.94
CA LYS A 153 -27.10 23.09 -6.85
C LYS A 153 -26.81 22.43 -5.49
N LEU A 154 -26.00 21.38 -5.49
CA LEU A 154 -25.69 20.66 -4.25
C LEU A 154 -24.32 20.94 -3.58
N PHE A 155 -23.82 22.17 -3.70
CA PHE A 155 -22.51 22.47 -3.12
C PHE A 155 -22.43 23.65 -2.16
N LYS A 156 -23.44 24.51 -2.19
CA LYS A 156 -23.51 25.72 -1.35
C LYS A 156 -22.47 26.75 -1.81
N SER A 157 -21.34 26.26 -2.30
CA SER A 157 -20.25 27.13 -2.78
C SER A 157 -19.76 26.63 -4.14
N ASP A 158 -19.43 27.56 -5.03
CA ASP A 158 -18.93 27.21 -6.36
C ASP A 158 -17.56 26.53 -6.34
N ARG A 159 -17.40 25.55 -7.23
CA ARG A 159 -16.15 24.83 -7.36
C ARG A 159 -15.13 25.82 -7.92
N ILE A 160 -14.02 26.01 -7.23
CA ILE A 160 -12.99 26.92 -7.68
C ILE A 160 -11.73 26.14 -8.00
N PHE A 161 -11.00 26.62 -9.01
CA PHE A 161 -9.74 26.01 -9.42
C PHE A 161 -8.68 27.08 -9.63
N PHE A 162 -7.48 26.83 -9.09
CA PHE A 162 -6.37 27.74 -9.17
C PHE A 162 -5.41 27.50 -10.36
N ALA A 163 -4.64 28.53 -10.70
CA ALA A 163 -3.68 28.45 -11.80
C ALA A 163 -2.44 27.69 -11.38
N ASN A 164 -1.55 27.51 -12.36
CA ASN A 164 -0.28 26.78 -12.24
C ASN A 164 0.72 27.16 -11.15
N GLN A 165 1.06 28.44 -11.08
CA GLN A 165 2.04 28.92 -10.11
C GLN A 165 1.80 28.52 -8.65
N THR A 166 2.83 27.95 -8.02
CA THR A 166 2.73 27.54 -6.63
C THR A 166 3.19 28.67 -5.74
N TYR A 167 2.40 28.98 -4.72
CA TYR A 167 2.69 30.06 -3.80
C TYR A 167 2.72 29.54 -2.37
N LEU A 168 3.63 30.09 -1.56
CA LEU A 168 3.72 29.71 -0.15
C LEU A 168 2.46 30.19 0.60
N PRO A 169 2.22 29.70 1.84
CA PRO A 169 1.05 30.07 2.65
C PRO A 169 0.80 31.54 2.78
N SER A 170 1.70 32.36 2.24
CA SER A 170 1.48 33.80 2.25
C SER A 170 0.18 33.92 1.45
N GLU A 171 -0.10 32.89 0.64
CA GLU A 171 -1.27 32.79 -0.22
C GLU A 171 -1.10 33.78 -1.36
N THR A 172 0.09 34.39 -1.31
CA THR A 172 0.58 35.42 -2.20
C THR A 172 -0.40 36.44 -2.76
N PRO A 173 -0.91 36.27 -4.02
CA PRO A 173 -1.84 37.30 -4.51
C PRO A 173 -2.94 37.65 -3.54
N ALA A 174 -2.85 38.87 -3.02
CA ALA A 174 -3.80 39.38 -2.05
C ALA A 174 -5.23 39.15 -2.47
N PRO A 175 -5.55 39.33 -3.76
CA PRO A 175 -6.94 39.11 -4.18
C PRO A 175 -7.39 37.64 -4.03
N LEU A 176 -6.44 36.70 -4.02
CA LEU A 176 -6.74 35.27 -3.88
C LEU A 176 -6.51 34.71 -2.46
N VAL A 177 -6.00 35.54 -1.56
CA VAL A 177 -5.76 35.12 -0.18
C VAL A 177 -7.06 34.68 0.49
N LYS A 178 -8.15 35.34 0.14
CA LYS A 178 -9.48 35.01 0.68
C LYS A 178 -9.98 33.69 0.09
N TYR A 179 -9.81 33.56 -1.22
CA TYR A 179 -10.26 32.37 -1.97
C TYR A 179 -9.52 31.09 -1.60
N ARG A 180 -8.30 31.24 -1.07
CA ARG A 180 -7.46 30.12 -0.67
C ARG A 180 -7.86 29.59 0.70
N GLU A 181 -8.08 30.50 1.64
CA GLU A 181 -8.48 30.18 3.01
C GLU A 181 -9.88 29.58 3.06
N GLU A 182 -10.70 29.98 2.11
CA GLU A 182 -12.08 29.55 2.02
C GLU A 182 -12.21 28.13 1.45
N GLU A 183 -11.45 27.86 0.38
CA GLU A 183 -11.47 26.54 -0.25
C GLU A 183 -11.00 25.50 0.76
N LEU A 184 -9.95 25.86 1.48
CA LEU A 184 -9.36 25.04 2.52
C LEU A 184 -10.38 24.78 3.62
N HIS A 185 -11.17 25.81 3.95
CA HIS A 185 -12.20 25.71 4.96
C HIS A 185 -13.18 24.64 4.49
N ASN A 186 -13.66 24.81 3.27
CA ASN A 186 -14.60 23.88 2.67
C ASN A 186 -14.09 22.44 2.60
N LEU A 187 -12.78 22.29 2.57
CA LEU A 187 -12.21 20.95 2.50
C LEU A 187 -12.33 20.24 3.86
N ARG A 188 -12.32 21.02 4.94
CA ARG A 188 -12.41 20.45 6.29
C ARG A 188 -13.83 20.00 6.61
N GLY A 189 -14.79 20.92 6.53
CA GLY A 189 -16.19 20.57 6.75
C GLY A 189 -16.96 20.48 8.05
N ASP A 190 -16.47 21.06 9.14
CA ASP A 190 -17.20 21.06 10.43
C ASP A 190 -17.31 19.75 11.25
N GLY A 191 -17.02 18.61 10.62
CA GLY A 191 -17.06 17.33 11.32
C GLY A 191 -18.44 16.80 11.63
N THR A 192 -19.43 17.19 10.83
CA THR A 192 -20.81 16.77 11.04
C THR A 192 -21.53 16.10 9.87
N GLY A 193 -22.39 15.14 10.19
CA GLY A 193 -23.18 14.50 9.16
C GLY A 193 -22.70 13.26 8.45
N GLU A 194 -23.62 12.70 7.65
CA GLU A 194 -23.33 11.52 6.87
C GLU A 194 -22.79 11.97 5.51
N ARG A 195 -21.54 11.64 5.25
CA ARG A 195 -20.86 11.99 4.02
C ARG A 195 -21.50 11.39 2.77
N LYS A 196 -21.56 12.18 1.70
CA LYS A 196 -22.16 11.75 0.44
C LYS A 196 -21.12 11.62 -0.66
N GLU A 197 -21.46 10.84 -1.69
CA GLU A 197 -20.62 10.56 -2.85
C GLU A 197 -19.85 11.72 -3.50
N TRP A 198 -20.57 12.80 -3.81
CA TRP A 198 -20.02 13.99 -4.46
C TRP A 198 -19.23 14.95 -3.57
N GLU A 199 -19.13 14.64 -2.28
CA GLU A 199 -18.44 15.49 -1.33
C GLU A 199 -16.94 15.36 -1.29
N ARG A 200 -16.28 16.47 -0.95
CA ARG A 200 -14.82 16.57 -0.85
C ARG A 200 -14.48 17.15 0.52
N ILE A 201 -14.80 16.37 1.55
CA ILE A 201 -14.56 16.74 2.93
C ILE A 201 -13.63 15.72 3.57
N TYR A 202 -12.48 16.20 4.04
CA TYR A 202 -11.50 15.34 4.68
C TYR A 202 -11.55 15.51 6.19
N ASP A 203 -11.79 14.41 6.88
CA ASP A 203 -11.88 14.41 8.34
C ASP A 203 -11.46 13.04 8.89
N TYR A 204 -11.20 13.02 10.19
CA TYR A 204 -10.74 11.83 10.89
C TYR A 204 -11.81 11.12 11.69
N ASP A 205 -11.55 9.84 11.95
CA ASP A 205 -12.39 8.96 12.76
C ASP A 205 -11.56 7.72 13.06
N VAL A 206 -11.89 7.10 14.19
CA VAL A 206 -11.20 5.89 14.64
C VAL A 206 -11.72 4.64 13.95
N TYR A 207 -11.04 3.52 14.15
CA TYR A 207 -11.47 2.27 13.54
C TYR A 207 -12.56 1.61 14.38
N ASN A 208 -13.81 1.96 14.03
CA ASN A 208 -15.00 1.45 14.68
C ASN A 208 -15.99 0.99 13.60
N ASP A 209 -15.48 0.75 12.39
CA ASP A 209 -16.27 0.34 11.22
C ASP A 209 -16.11 -1.15 10.90
N LEU A 210 -15.03 -1.74 11.39
CA LEU A 210 -14.69 -3.15 11.11
C LEU A 210 -15.65 -4.26 11.55
N GLY A 211 -16.25 -4.12 12.72
CA GLY A 211 -17.16 -5.14 13.20
C GLY A 211 -18.63 -4.88 12.90
N ASP A 212 -19.48 -5.81 13.35
CA ASP A 212 -20.93 -5.70 13.16
C ASP A 212 -21.70 -6.30 14.34
N PRO A 213 -21.86 -5.53 15.44
CA PRO A 213 -22.56 -5.96 16.64
C PRO A 213 -24.04 -6.34 16.43
N ASP A 214 -24.71 -5.62 15.52
CA ASP A 214 -26.12 -5.89 15.22
C ASP A 214 -26.38 -7.31 14.76
N LYS A 215 -25.41 -7.92 14.07
CA LYS A 215 -25.58 -9.29 13.60
C LYS A 215 -25.16 -10.31 14.69
N GLY A 216 -24.72 -9.80 15.84
CA GLY A 216 -24.31 -10.70 16.90
C GLY A 216 -23.29 -10.18 17.87
N GLU A 217 -22.90 -11.06 18.78
CA GLU A 217 -21.93 -10.80 19.82
C GLU A 217 -20.58 -11.21 19.30
N ASN A 218 -20.58 -12.26 18.48
CA ASN A 218 -19.36 -12.82 17.87
C ASN A 218 -18.85 -11.92 16.75
N HIS A 219 -19.71 -11.01 16.29
CA HIS A 219 -19.39 -10.10 15.21
C HIS A 219 -18.88 -8.74 15.66
N ALA A 220 -18.72 -8.55 16.97
CA ALA A 220 -18.17 -7.30 17.48
C ALA A 220 -16.64 -7.37 17.46
N ARG A 221 -15.99 -6.24 17.20
CA ARG A 221 -14.54 -6.13 17.17
C ARG A 221 -14.15 -4.88 17.95
N PRO A 222 -13.00 -4.91 18.63
CA PRO A 222 -12.52 -3.77 19.43
C PRO A 222 -12.37 -2.46 18.65
N VAL A 223 -12.66 -1.33 19.29
CA VAL A 223 -12.50 -0.04 18.63
C VAL A 223 -11.00 0.21 18.62
N LEU A 224 -10.46 0.54 17.45
CA LEU A 224 -9.04 0.78 17.32
C LEU A 224 -8.71 2.26 17.23
N GLY A 225 -7.90 2.72 18.17
CA GLY A 225 -7.53 4.11 18.24
C GLY A 225 -8.37 4.80 19.29
N GLY A 226 -7.85 5.90 19.82
CA GLY A 226 -8.59 6.64 20.84
C GLY A 226 -8.59 6.03 22.22
N ASN A 227 -7.65 5.13 22.48
CA ASN A 227 -7.52 4.47 23.78
C ASN A 227 -6.09 3.96 23.96
N ASP A 228 -5.74 3.62 25.19
CA ASP A 228 -4.40 3.12 25.55
C ASP A 228 -4.07 1.71 25.09
N THR A 229 -5.05 0.81 25.20
CA THR A 229 -4.84 -0.58 24.85
C THR A 229 -4.66 -0.82 23.36
N PHE A 230 -5.54 -0.25 22.56
CA PHE A 230 -5.45 -0.39 21.12
C PHE A 230 -5.30 0.94 20.40
N PRO A 231 -4.08 1.51 20.42
CA PRO A 231 -3.82 2.78 19.75
C PRO A 231 -3.69 2.45 18.25
N TYR A 232 -4.11 3.37 17.41
CA TYR A 232 -4.09 3.14 15.97
C TYR A 232 -4.25 4.47 15.24
N PRO A 233 -3.76 4.56 13.99
CA PRO A 233 -3.88 5.80 13.21
C PRO A 233 -5.37 6.02 12.91
N ARG A 234 -5.74 7.24 12.54
CA ARG A 234 -7.13 7.53 12.20
C ARG A 234 -7.34 7.16 10.74
N ARG A 235 -8.60 7.00 10.36
CA ARG A 235 -8.94 6.72 8.96
C ARG A 235 -9.91 7.82 8.54
N GLY A 236 -10.18 7.89 7.24
CA GLY A 236 -11.07 8.91 6.71
C GLY A 236 -12.48 8.83 7.26
N ARG A 237 -12.96 9.93 7.83
CA ARG A 237 -14.30 9.94 8.39
C ARG A 237 -15.44 9.80 7.39
N THR A 238 -16.41 8.99 7.78
CA THR A 238 -17.62 8.72 7.01
C THR A 238 -18.71 8.92 8.08
N GLY A 239 -19.88 9.42 7.70
CA GLY A 239 -20.88 9.68 8.73
C GLY A 239 -22.10 8.80 8.90
N ARG A 240 -21.92 7.49 8.85
CA ARG A 240 -23.06 6.60 9.01
C ARG A 240 -23.48 6.60 10.47
N LYS A 241 -24.76 6.31 10.69
CA LYS A 241 -25.32 6.26 12.03
C LYS A 241 -24.67 5.11 12.83
N PRO A 242 -24.68 5.22 14.16
CA PRO A 242 -24.07 4.16 14.98
C PRO A 242 -24.85 2.86 14.81
N THR A 243 -24.26 1.77 15.28
CA THR A 243 -24.86 0.45 15.23
C THR A 243 -25.94 0.44 16.34
N ARG A 244 -27.08 -0.23 16.13
CA ARG A 244 -28.18 -0.27 17.12
C ARG A 244 -27.75 -0.73 18.50
N LYS A 245 -27.00 -1.83 18.53
CA LYS A 245 -26.52 -2.44 19.76
C LYS A 245 -25.19 -1.94 20.29
N ASP A 246 -24.69 -0.84 19.72
CA ASP A 246 -23.45 -0.21 20.17
C ASP A 246 -23.29 1.18 19.57
N PRO A 247 -23.35 2.19 20.42
CA PRO A 247 -23.22 3.58 19.99
C PRO A 247 -21.83 4.05 19.53
N ASN A 248 -20.76 3.42 20.05
CA ASN A 248 -19.40 3.81 19.66
C ASN A 248 -18.91 3.06 18.40
N SER A 249 -19.77 2.22 17.86
CA SER A 249 -19.47 1.43 16.68
C SER A 249 -20.39 1.90 15.55
N GLU A 250 -19.81 2.18 14.38
CA GLU A 250 -20.56 2.65 13.21
C GLU A 250 -21.23 1.54 12.38
N SER A 251 -22.46 1.76 11.96
CA SER A 251 -23.19 0.78 11.15
C SER A 251 -22.42 0.47 9.86
N ARG A 252 -22.59 -0.74 9.35
CA ARG A 252 -21.94 -1.19 8.11
C ARG A 252 -22.62 -0.58 6.90
N SER A 253 -22.03 -0.82 5.73
CA SER A 253 -22.57 -0.33 4.46
C SER A 253 -21.79 -0.92 3.29
N ASN A 254 -22.50 -1.15 2.19
CA ASN A 254 -21.92 -1.70 0.97
C ASN A 254 -21.14 -0.64 0.22
N ASP A 255 -21.45 0.62 0.54
CA ASP A 255 -20.78 1.75 -0.08
C ASP A 255 -20.18 2.67 0.97
N VAL A 256 -18.84 2.68 1.01
CA VAL A 256 -18.14 3.52 1.95
C VAL A 256 -17.70 4.82 1.29
N TYR A 257 -17.84 5.90 2.02
CA TYR A 257 -17.43 7.19 1.51
C TYR A 257 -15.95 7.47 1.66
N LEU A 258 -15.44 8.23 0.69
CA LEU A 258 -14.08 8.73 0.65
C LEU A 258 -14.28 9.97 -0.21
N PRO A 259 -13.56 11.07 0.07
CA PRO A 259 -13.75 12.27 -0.76
C PRO A 259 -13.57 11.97 -2.24
N ARG A 260 -14.47 12.50 -3.08
CA ARG A 260 -14.41 12.31 -4.53
C ARG A 260 -13.04 12.83 -4.97
N ASP A 261 -12.57 12.38 -6.13
CA ASP A 261 -11.24 12.76 -6.66
C ASP A 261 -10.20 11.83 -6.07
N GLU A 262 -10.53 11.28 -4.89
CA GLU A 262 -9.66 10.34 -4.19
C GLU A 262 -10.00 8.93 -4.67
N ALA A 263 -11.09 8.82 -5.41
CA ALA A 263 -11.54 7.57 -5.98
C ALA A 263 -11.26 7.62 -7.48
N PHE A 264 -10.11 7.10 -7.89
CA PHE A 264 -9.69 7.11 -9.30
C PHE A 264 -10.32 6.10 -10.26
N GLY A 265 -10.84 6.64 -11.36
CA GLY A 265 -11.48 5.85 -12.39
C GLY A 265 -10.46 5.46 -13.43
N HIS A 266 -10.83 4.58 -14.35
CA HIS A 266 -9.89 4.14 -15.36
C HIS A 266 -10.52 3.99 -16.74
N LEU A 267 -9.68 4.06 -17.77
CA LEU A 267 -10.12 3.92 -19.15
C LEU A 267 -10.37 2.45 -19.47
N LYS A 268 -9.44 1.59 -19.09
CA LYS A 268 -9.56 0.16 -19.35
C LYS A 268 -10.31 -0.58 -18.24
N SER A 269 -10.97 -1.67 -18.63
CA SER A 269 -11.76 -2.48 -17.72
C SER A 269 -11.00 -3.20 -16.60
N SER A 270 -9.96 -3.96 -16.94
CA SER A 270 -9.20 -4.70 -15.94
C SER A 270 -8.22 -3.85 -15.12
N ASP A 271 -8.39 -2.53 -15.17
CA ASP A 271 -7.54 -1.65 -14.39
C ASP A 271 -8.26 -1.31 -13.10
N PHE A 272 -9.53 -1.71 -13.00
CA PHE A 272 -10.33 -1.49 -11.80
C PHE A 272 -10.04 -2.66 -10.86
N LEU A 273 -8.77 -2.74 -10.44
CA LEU A 273 -8.29 -3.79 -9.57
C LEU A 273 -8.83 -3.75 -8.15
N THR A 274 -9.72 -2.79 -7.87
CA THR A 274 -10.34 -2.65 -6.55
C THR A 274 -11.71 -3.30 -6.65
N TYR A 275 -12.28 -3.21 -7.84
CA TYR A 275 -13.58 -3.80 -8.11
C TYR A 275 -13.33 -5.29 -8.26
N GLY A 276 -12.06 -5.66 -8.39
CA GLY A 276 -11.69 -7.06 -8.49
C GLY A 276 -11.84 -7.71 -7.13
N LEU A 277 -11.24 -7.10 -6.10
CA LEU A 277 -11.30 -7.59 -4.72
C LEU A 277 -12.74 -7.63 -4.23
N LYS A 278 -13.39 -6.48 -4.34
CA LYS A 278 -14.77 -6.31 -3.91
C LYS A 278 -15.67 -7.38 -4.53
N SER A 279 -15.34 -7.83 -5.73
CA SER A 279 -16.11 -8.86 -6.41
C SER A 279 -15.67 -10.28 -6.10
N VAL A 280 -14.45 -10.44 -5.61
CA VAL A 280 -13.97 -11.77 -5.27
C VAL A 280 -14.60 -12.26 -3.95
N SER A 281 -14.47 -11.48 -2.88
CA SER A 281 -15.05 -11.90 -1.60
C SER A 281 -16.56 -11.66 -1.57
N GLN A 282 -17.14 -11.48 -2.76
CA GLN A 282 -18.56 -11.20 -2.89
C GLN A 282 -19.31 -12.20 -3.79
N ASN A 283 -18.74 -12.50 -4.95
CA ASN A 283 -19.39 -13.40 -5.88
C ASN A 283 -18.49 -14.55 -6.31
N VAL A 284 -17.33 -14.66 -5.67
CA VAL A 284 -16.38 -15.73 -5.97
C VAL A 284 -16.15 -16.57 -4.73
N LEU A 285 -16.13 -15.91 -3.56
CA LEU A 285 -15.93 -16.60 -2.29
C LEU A 285 -17.18 -17.33 -1.80
N PRO A 286 -18.36 -16.68 -1.86
CA PRO A 286 -19.61 -17.33 -1.41
C PRO A 286 -19.96 -18.55 -2.26
N LEU A 287 -19.72 -18.45 -3.57
CA LEU A 287 -19.99 -19.53 -4.50
C LEU A 287 -19.04 -20.70 -4.32
N LEU A 288 -17.75 -20.40 -4.18
CA LEU A 288 -16.74 -21.43 -4.00
C LEU A 288 -16.90 -22.21 -2.70
N GLN A 289 -17.44 -21.55 -1.68
CA GLN A 289 -17.67 -22.17 -0.38
C GLN A 289 -18.79 -23.18 -0.47
N SER A 290 -19.54 -23.13 -1.57
CA SER A 290 -20.63 -24.07 -1.80
C SER A 290 -20.16 -25.23 -2.67
N ALA A 291 -19.03 -25.04 -3.34
CA ALA A 291 -18.43 -26.07 -4.19
C ALA A 291 -17.73 -27.11 -3.31
N PHE A 292 -17.15 -26.62 -2.21
CA PHE A 292 -16.46 -27.47 -1.26
C PHE A 292 -17.49 -28.22 -0.41
N ASP A 293 -18.47 -27.46 0.09
CA ASP A 293 -19.54 -28.02 0.90
C ASP A 293 -20.47 -28.81 -0.02
N LEU A 294 -19.87 -29.74 -0.77
CA LEU A 294 -20.55 -30.63 -1.71
C LEU A 294 -19.54 -31.75 -1.95
N ASN A 295 -19.07 -31.92 -3.19
CA ASN A 295 -18.10 -32.96 -3.51
C ASN A 295 -17.49 -32.85 -4.91
N PHE A 296 -17.91 -31.85 -5.66
CA PHE A 296 -17.36 -31.64 -7.01
C PHE A 296 -15.88 -31.31 -6.82
N THR A 297 -15.55 -30.87 -5.61
CA THR A 297 -14.20 -30.48 -5.23
C THR A 297 -13.75 -31.07 -3.89
N PRO A 298 -12.56 -31.70 -3.87
CA PRO A 298 -11.99 -32.31 -2.65
C PRO A 298 -11.65 -31.17 -1.68
N ARG A 299 -11.86 -31.42 -0.39
CA ARG A 299 -11.63 -30.42 0.65
C ARG A 299 -10.16 -30.26 1.08
N GLU A 300 -9.32 -31.23 0.74
CA GLU A 300 -7.92 -31.22 1.13
C GLU A 300 -7.00 -31.72 0.00
N PHE A 301 -5.84 -31.10 -0.16
CA PHE A 301 -4.88 -31.53 -1.18
C PHE A 301 -4.29 -32.84 -0.64
N ASP A 302 -4.17 -33.86 -1.48
CA ASP A 302 -3.61 -35.13 -1.04
C ASP A 302 -2.09 -35.20 -1.16
N SER A 303 -1.52 -34.47 -2.10
CA SER A 303 -0.06 -34.49 -2.29
C SER A 303 0.49 -33.16 -2.83
N PHE A 304 1.82 -33.07 -2.95
CA PHE A 304 2.47 -31.86 -3.49
C PHE A 304 2.18 -31.72 -4.97
N ASP A 305 1.97 -32.86 -5.61
CA ASP A 305 1.69 -32.96 -7.06
C ASP A 305 0.31 -32.38 -7.41
N GLU A 306 -0.57 -32.36 -6.42
CA GLU A 306 -1.93 -31.87 -6.58
C GLU A 306 -2.00 -30.35 -6.47
N VAL A 307 -1.12 -29.76 -5.66
CA VAL A 307 -1.05 -28.31 -5.46
C VAL A 307 -0.51 -27.62 -6.73
N HIS A 308 0.46 -28.27 -7.39
CA HIS A 308 1.06 -27.75 -8.60
C HIS A 308 0.09 -27.83 -9.78
N GLY A 309 -0.81 -28.81 -9.73
CA GLY A 309 -1.78 -28.97 -10.81
C GLY A 309 -2.73 -27.79 -10.89
N LEU A 310 -2.49 -26.80 -10.03
CA LEU A 310 -3.30 -25.60 -9.95
C LEU A 310 -2.92 -24.61 -11.05
N TYR A 311 -1.66 -24.67 -11.46
CA TYR A 311 -1.13 -23.77 -12.49
C TYR A 311 -1.11 -24.42 -13.87
N SER A 312 -1.31 -25.73 -13.89
CA SER A 312 -1.34 -26.48 -15.14
C SER A 312 -2.79 -26.70 -15.54
N GLY A 313 -3.33 -27.84 -15.12
CA GLY A 313 -4.72 -28.18 -15.42
C GLY A 313 -5.74 -27.34 -14.67
N GLY A 314 -5.40 -26.92 -13.46
CA GLY A 314 -6.33 -26.11 -12.68
C GLY A 314 -7.37 -26.94 -11.96
N ILE A 315 -8.21 -26.25 -11.19
CA ILE A 315 -9.26 -26.91 -10.43
C ILE A 315 -10.57 -27.00 -11.22
N LYS A 316 -10.83 -28.19 -11.79
CA LYS A 316 -12.04 -28.43 -12.55
C LYS A 316 -13.24 -28.07 -11.68
N LEU A 317 -13.90 -26.98 -12.02
CA LEU A 317 -15.05 -26.49 -11.28
C LEU A 317 -16.34 -26.84 -12.00
N PRO A 318 -17.49 -26.77 -11.29
CA PRO A 318 -18.80 -27.08 -11.88
C PRO A 318 -19.31 -25.82 -12.60
N THR A 319 -20.17 -25.98 -13.60
CA THR A 319 -20.70 -24.81 -14.32
C THR A 319 -21.62 -23.97 -13.42
N ASP A 320 -22.08 -24.58 -12.33
CA ASP A 320 -22.93 -23.91 -11.34
C ASP A 320 -22.20 -22.76 -10.66
N ILE A 321 -20.89 -22.66 -10.92
CA ILE A 321 -20.06 -21.63 -10.33
C ILE A 321 -19.10 -21.04 -11.36
N ILE A 322 -18.52 -21.90 -12.19
CA ILE A 322 -17.54 -21.47 -13.20
C ILE A 322 -18.04 -20.54 -14.31
N SER A 323 -19.34 -20.42 -14.49
CA SER A 323 -19.88 -19.51 -15.51
C SER A 323 -20.55 -18.33 -14.82
N LYS A 324 -20.80 -18.49 -13.52
CA LYS A 324 -21.39 -17.44 -12.70
C LYS A 324 -20.26 -16.48 -12.30
N ILE A 325 -19.02 -16.88 -12.55
CA ILE A 325 -17.86 -16.03 -12.25
C ILE A 325 -17.17 -15.55 -13.53
N SER A 326 -17.35 -16.32 -14.61
CA SER A 326 -16.77 -16.03 -15.94
C SER A 326 -17.00 -14.64 -16.52
N PRO A 327 -18.27 -14.15 -16.51
CA PRO A 327 -18.47 -12.81 -17.08
C PRO A 327 -17.66 -11.80 -16.26
N LEU A 328 -18.13 -11.51 -15.05
CA LEU A 328 -17.48 -10.59 -14.09
C LEU A 328 -16.26 -9.80 -14.58
N PRO A 329 -16.41 -8.47 -14.75
CA PRO A 329 -15.34 -7.58 -15.20
C PRO A 329 -14.13 -7.56 -14.28
N VAL A 330 -13.00 -7.08 -14.81
CA VAL A 330 -11.70 -7.00 -14.11
C VAL A 330 -11.11 -8.37 -13.85
N LEU A 331 -11.99 -9.35 -13.63
CA LEU A 331 -11.59 -10.73 -13.40
C LEU A 331 -11.34 -11.43 -14.72
N LYS A 332 -11.04 -10.59 -15.73
CA LYS A 332 -10.73 -11.03 -17.08
C LYS A 332 -9.26 -11.48 -17.08
N GLU A 333 -9.04 -12.72 -17.48
CA GLU A 333 -7.71 -13.35 -17.55
C GLU A 333 -7.33 -14.03 -16.23
N ILE A 334 -7.18 -13.24 -15.17
CA ILE A 334 -6.82 -13.72 -13.83
C ILE A 334 -7.33 -15.14 -13.57
N PHE A 335 -8.66 -15.26 -13.51
CA PHE A 335 -9.30 -16.55 -13.30
C PHE A 335 -9.35 -17.32 -14.61
N ARG A 336 -8.20 -17.81 -15.03
CA ARG A 336 -8.08 -18.56 -16.28
C ARG A 336 -9.06 -19.73 -16.25
N THR A 337 -9.54 -20.11 -17.42
CA THR A 337 -10.49 -21.21 -17.57
C THR A 337 -10.44 -21.70 -19.01
N ASP A 338 -10.31 -23.02 -19.18
CA ASP A 338 -10.24 -23.63 -20.50
C ASP A 338 -11.64 -23.68 -21.15
N GLY A 339 -12.57 -22.93 -20.57
CA GLY A 339 -13.92 -22.88 -21.09
C GLY A 339 -14.86 -23.33 -20.00
N GLU A 340 -15.09 -24.64 -19.95
CA GLU A 340 -15.98 -25.19 -18.96
C GLU A 340 -15.26 -26.11 -17.99
N GLN A 341 -15.62 -25.99 -16.72
CA GLN A 341 -15.05 -26.79 -15.64
C GLN A 341 -13.53 -26.71 -15.53
N ALA A 342 -13.04 -25.62 -14.92
CA ALA A 342 -11.61 -25.37 -14.70
C ALA A 342 -11.31 -23.94 -14.25
N LEU A 343 -10.80 -23.79 -13.03
CA LEU A 343 -10.43 -22.47 -12.49
C LEU A 343 -8.91 -22.47 -12.25
N LYS A 344 -8.15 -22.28 -13.33
CA LYS A 344 -6.70 -22.27 -13.27
C LYS A 344 -6.07 -21.01 -12.64
N PHE A 345 -4.84 -21.19 -12.15
CA PHE A 345 -4.02 -20.13 -11.52
C PHE A 345 -2.62 -20.10 -12.15
N PRO A 346 -2.17 -18.93 -12.60
CA PRO A 346 -0.83 -18.82 -13.21
C PRO A 346 0.33 -19.19 -12.28
N PRO A 347 1.39 -19.81 -12.83
CA PRO A 347 2.58 -20.24 -12.07
C PRO A 347 3.47 -19.13 -11.55
N PRO A 348 3.69 -19.10 -10.21
CA PRO A 348 4.52 -18.11 -9.52
C PRO A 348 5.97 -18.26 -9.93
N LYS A 349 6.70 -17.14 -9.98
CA LYS A 349 8.11 -17.17 -10.36
C LYS A 349 8.94 -18.12 -9.52
N VAL A 350 8.47 -18.39 -8.30
CA VAL A 350 9.17 -19.28 -7.38
C VAL A 350 9.31 -20.74 -7.85
N ILE A 351 8.43 -21.20 -8.74
CA ILE A 351 8.52 -22.57 -9.23
C ILE A 351 8.81 -22.73 -10.71
N GLN A 352 8.97 -21.61 -11.41
CA GLN A 352 9.23 -21.66 -12.84
C GLN A 352 10.52 -22.36 -13.27
N VAL A 353 11.60 -22.16 -12.54
CA VAL A 353 12.86 -22.82 -12.88
C VAL A 353 12.87 -24.18 -12.20
N SER A 354 12.75 -24.18 -10.87
CA SER A 354 12.75 -25.39 -10.06
C SER A 354 11.59 -25.40 -9.04
N LYS A 355 10.76 -26.44 -9.12
CA LYS A 355 9.62 -26.58 -8.21
C LYS A 355 9.93 -27.25 -6.88
N SER A 356 11.21 -27.57 -6.65
CA SER A 356 11.64 -28.22 -5.42
C SER A 356 12.65 -27.42 -4.58
N ALA A 357 13.12 -26.30 -5.14
CA ALA A 357 14.11 -25.44 -4.45
C ALA A 357 13.58 -24.58 -3.30
N TRP A 358 12.26 -24.48 -3.16
CA TRP A 358 11.67 -23.69 -2.07
C TRP A 358 11.90 -24.40 -0.72
N MET A 359 12.12 -25.71 -0.78
CA MET A 359 12.37 -26.54 0.40
C MET A 359 13.76 -26.44 1.02
N THR A 360 14.73 -25.95 0.24
CA THR A 360 16.10 -25.81 0.72
C THR A 360 16.23 -24.80 1.85
N ASP A 361 17.18 -25.04 2.76
CA ASP A 361 17.41 -24.14 3.88
C ASP A 361 17.91 -22.81 3.36
N GLU A 362 18.40 -22.82 2.13
CA GLU A 362 18.91 -21.61 1.52
C GLU A 362 17.83 -20.65 1.01
N GLU A 363 16.74 -21.18 0.46
CA GLU A 363 15.63 -20.35 -0.01
C GLU A 363 14.60 -20.14 1.09
N PHE A 364 15.09 -20.21 2.32
CA PHE A 364 14.28 -20.01 3.51
C PHE A 364 14.95 -18.83 4.19
N ALA A 365 16.27 -18.91 4.31
CA ALA A 365 17.03 -17.84 4.91
C ALA A 365 17.16 -16.68 3.90
N ARG A 366 17.23 -17.03 2.61
CA ARG A 366 17.36 -16.07 1.50
C ARG A 366 16.18 -15.09 1.44
N GLU A 367 14.98 -15.62 1.64
CA GLU A 367 13.76 -14.84 1.59
C GLU A 367 13.56 -13.85 2.73
N MET A 368 14.41 -13.93 3.74
CA MET A 368 14.35 -12.99 4.84
C MET A 368 15.10 -11.73 4.42
N LEU A 369 15.87 -11.84 3.34
CA LEU A 369 16.68 -10.74 2.78
C LEU A 369 16.20 -10.15 1.45
N ALA A 370 15.54 -10.99 0.65
CA ALA A 370 15.04 -10.61 -0.66
C ALA A 370 13.64 -11.19 -0.88
N GLY A 371 12.91 -11.40 0.20
CA GLY A 371 11.58 -11.94 0.11
C GLY A 371 10.46 -10.93 0.13
N VAL A 372 9.27 -11.41 0.47
CA VAL A 372 8.05 -10.60 0.53
C VAL A 372 8.07 -9.75 1.81
N ASN A 373 8.81 -10.23 2.81
CA ASN A 373 8.95 -9.57 4.11
C ASN A 373 10.47 -9.61 4.36
N PRO A 374 11.22 -8.63 3.83
CA PRO A 374 12.67 -8.61 3.99
C PRO A 374 13.24 -7.63 4.99
N ASN A 375 12.39 -6.96 5.78
CA ASN A 375 12.89 -5.97 6.74
C ASN A 375 12.58 -6.29 8.18
N LEU A 376 12.79 -7.53 8.58
CA LEU A 376 12.52 -7.93 9.95
C LEU A 376 13.73 -8.55 10.62
N ILE A 377 14.64 -9.09 9.82
CA ILE A 377 15.85 -9.71 10.35
C ILE A 377 16.74 -8.72 11.13
N ARG A 378 17.50 -9.21 12.10
CA ARG A 378 18.37 -8.35 12.89
C ARG A 378 19.60 -9.06 13.43
N CYS A 379 20.66 -8.28 13.67
CA CYS A 379 21.89 -8.83 14.21
C CYS A 379 21.72 -9.08 15.70
N LEU A 380 22.16 -10.27 16.11
CA LEU A 380 22.11 -10.69 17.50
C LEU A 380 23.33 -10.05 18.15
N LYS A 381 23.14 -9.34 19.26
CA LYS A 381 24.24 -8.66 19.96
C LYS A 381 24.68 -9.40 21.21
N ASP A 382 23.71 -10.01 21.89
CA ASP A 382 23.95 -10.81 23.08
C ASP A 382 22.99 -11.99 23.21
N PHE A 383 23.55 -13.17 22.97
CA PHE A 383 22.84 -14.43 23.02
C PHE A 383 22.68 -14.82 24.50
N PRO A 384 21.57 -15.50 24.87
CA PRO A 384 20.44 -15.93 24.05
C PRO A 384 19.45 -14.79 23.85
N PRO A 385 18.53 -14.94 22.88
CA PRO A 385 17.50 -13.92 22.60
C PRO A 385 16.57 -13.69 23.79
N ARG A 386 16.18 -12.44 24.01
CA ARG A 386 15.32 -12.10 25.12
C ARG A 386 13.96 -11.60 24.65
N SER A 387 12.96 -11.81 25.49
CA SER A 387 11.59 -11.37 25.20
C SER A 387 11.37 -9.99 25.80
N LYS A 388 10.48 -9.22 25.19
CA LYS A 388 10.17 -7.88 25.66
C LYS A 388 8.84 -7.86 26.42
N LEU A 389 8.45 -9.03 26.94
CA LEU A 389 7.21 -9.16 27.69
C LEU A 389 7.46 -8.84 29.16
N ASP A 390 6.40 -8.74 29.95
CA ASP A 390 6.48 -8.39 31.36
C ASP A 390 6.77 -9.51 32.36
N SER A 391 6.25 -9.34 33.58
CA SER A 391 6.40 -10.31 34.67
C SER A 391 5.62 -11.57 34.32
N GLN A 392 6.10 -12.32 33.33
CA GLN A 392 5.45 -13.54 32.88
C GLN A 392 6.47 -14.66 32.77
N VAL A 393 7.59 -14.44 33.47
CA VAL A 393 8.72 -15.35 33.56
C VAL A 393 9.68 -15.49 32.38
N TYR A 394 9.24 -16.06 31.26
CA TYR A 394 10.15 -16.18 30.12
C TYR A 394 10.47 -14.79 29.59
N GLY A 395 9.58 -13.84 29.87
CA GLY A 395 9.77 -12.47 29.43
C GLY A 395 10.83 -11.81 30.31
N ASP A 396 11.23 -12.57 31.33
CA ASP A 396 12.25 -12.18 32.31
C ASP A 396 13.35 -13.26 32.24
N HIS A 397 13.09 -14.32 31.47
CA HIS A 397 14.01 -15.43 31.27
C HIS A 397 14.83 -15.14 30.00
N THR A 398 14.46 -15.75 28.88
CA THR A 398 15.10 -15.62 27.55
C THR A 398 14.68 -16.84 26.70
N SER A 399 15.41 -17.11 25.63
CA SER A 399 15.12 -18.27 24.78
C SER A 399 15.78 -19.52 25.36
N GLN A 400 15.18 -20.69 25.11
CA GLN A 400 15.73 -21.96 25.60
C GLN A 400 16.66 -22.65 24.61
N ILE A 401 17.21 -21.84 23.71
CA ILE A 401 18.15 -22.29 22.70
C ILE A 401 19.52 -22.19 23.38
N THR A 402 20.10 -23.36 23.69
CA THR A 402 21.39 -23.40 24.37
C THR A 402 22.56 -23.04 23.46
N LYS A 403 23.68 -22.73 24.09
CA LYS A 403 24.91 -22.36 23.40
C LYS A 403 25.45 -23.63 22.74
N GLU A 404 24.77 -24.74 23.00
CA GLU A 404 25.11 -26.07 22.49
C GLU A 404 24.34 -26.47 21.22
N HIS A 405 23.39 -25.65 20.80
CA HIS A 405 22.59 -25.93 19.61
C HIS A 405 23.20 -25.39 18.31
N LEU A 406 24.16 -24.49 18.43
CA LEU A 406 24.78 -23.84 17.28
C LEU A 406 26.10 -24.40 16.69
N GLU A 407 26.31 -24.03 15.42
CA GLU A 407 27.49 -24.36 14.58
C GLU A 407 27.70 -25.79 14.04
N PRO A 408 26.97 -26.17 12.98
CA PRO A 408 27.04 -27.48 12.31
C PRO A 408 28.23 -27.62 11.34
N ASN A 409 27.98 -28.23 10.17
CA ASN A 409 28.99 -28.50 9.13
C ASN A 409 29.70 -27.31 8.47
N LEU A 410 29.01 -26.16 8.41
CA LEU A 410 29.54 -24.93 7.81
C LEU A 410 30.99 -24.65 8.19
N GLU A 411 31.19 -23.82 9.21
CA GLU A 411 32.54 -23.46 9.66
C GLU A 411 32.92 -24.09 11.02
N GLY A 412 32.45 -23.50 12.11
CA GLY A 412 32.76 -24.03 13.42
C GLY A 412 33.69 -23.12 14.21
N LEU A 413 33.08 -22.32 15.08
CA LEU A 413 33.75 -21.36 15.96
C LEU A 413 32.81 -21.14 17.14
N THR A 414 33.22 -20.36 18.14
CA THR A 414 32.35 -20.15 19.29
C THR A 414 31.19 -19.19 19.05
N VAL A 415 30.24 -19.18 19.96
CA VAL A 415 29.07 -18.32 19.89
C VAL A 415 29.44 -16.84 20.00
N ASP A 416 30.21 -16.49 21.03
CA ASP A 416 30.65 -15.11 21.24
C ASP A 416 31.45 -14.56 20.07
N GLU A 417 32.24 -15.42 19.44
CA GLU A 417 33.04 -14.98 18.30
C GLU A 417 32.12 -14.65 17.13
N ALA A 418 31.11 -15.49 16.93
CA ALA A 418 30.15 -15.27 15.85
C ALA A 418 29.36 -13.97 16.08
N ILE A 419 29.31 -13.51 17.31
CA ILE A 419 28.60 -12.27 17.65
C ILE A 419 29.51 -11.03 17.58
N GLN A 420 30.77 -11.17 18.03
CA GLN A 420 31.72 -10.06 17.99
C GLN A 420 32.07 -9.78 16.52
N ASN A 421 31.89 -10.79 15.67
CA ASN A 421 32.14 -10.69 14.24
C ASN A 421 30.83 -10.49 13.47
N LYS A 422 29.73 -10.42 14.20
CA LYS A 422 28.40 -10.18 13.63
C LYS A 422 27.99 -11.11 12.47
N ARG A 423 27.92 -12.40 12.76
CA ARG A 423 27.54 -13.41 11.78
C ARG A 423 26.23 -14.07 12.20
N LEU A 424 25.84 -13.88 13.47
CA LEU A 424 24.59 -14.43 13.99
C LEU A 424 23.43 -13.44 13.86
N PHE A 425 22.32 -13.93 13.31
CA PHE A 425 21.12 -13.14 13.10
C PHE A 425 19.90 -13.81 13.66
N LEU A 426 18.88 -13.01 13.90
CA LEU A 426 17.65 -13.51 14.48
C LEU A 426 16.40 -13.14 13.67
N LEU A 427 15.36 -13.96 13.79
CA LEU A 427 14.09 -13.71 13.13
C LEU A 427 13.09 -14.05 14.22
N ASP A 428 12.88 -13.07 15.09
CA ASP A 428 12.00 -13.20 16.24
C ASP A 428 10.53 -12.90 15.95
N HIS A 429 9.68 -13.88 16.26
CA HIS A 429 8.24 -13.75 16.07
C HIS A 429 7.55 -14.22 17.35
N HIS A 430 8.24 -14.00 18.46
CA HIS A 430 7.77 -14.44 19.76
C HIS A 430 6.75 -13.55 20.48
N ASP A 431 7.15 -12.33 20.80
CA ASP A 431 6.30 -11.41 21.56
C ASP A 431 4.89 -11.13 21.07
N PRO A 432 4.73 -10.62 19.82
CA PRO A 432 3.41 -10.29 19.25
C PRO A 432 2.30 -11.32 19.38
N ILE A 433 2.63 -12.60 19.18
CA ILE A 433 1.64 -13.65 19.23
C ILE A 433 1.44 -14.33 20.58
N MET A 434 2.49 -14.36 21.41
CA MET A 434 2.40 -15.04 22.70
C MET A 434 1.17 -14.69 23.54
N PRO A 435 0.88 -13.39 23.74
CA PRO A 435 -0.28 -12.94 24.52
C PRO A 435 -1.64 -13.47 24.04
N TYR A 436 -1.76 -13.77 22.76
CA TYR A 436 -3.03 -14.28 22.22
C TYR A 436 -2.95 -15.76 21.80
N LEU A 437 -1.83 -16.41 22.08
CA LEU A 437 -1.61 -17.81 21.70
C LEU A 437 -2.58 -18.76 22.39
N ARG A 438 -3.00 -18.39 23.61
CA ARG A 438 -3.94 -19.19 24.38
C ARG A 438 -5.31 -19.21 23.68
N ARG A 439 -5.81 -18.03 23.35
CA ARG A 439 -7.08 -17.86 22.66
C ARG A 439 -7.11 -18.47 21.25
N ILE A 440 -6.06 -18.22 20.47
CA ILE A 440 -5.96 -18.74 19.10
C ILE A 440 -5.88 -20.27 18.99
N ASN A 441 -5.07 -20.89 19.84
CA ASN A 441 -4.89 -22.35 19.83
C ASN A 441 -6.14 -23.08 20.33
N ALA A 442 -7.05 -22.33 20.93
CA ALA A 442 -8.28 -22.86 21.45
C ALA A 442 -9.35 -22.90 20.35
N THR A 443 -8.90 -22.69 19.11
CA THR A 443 -9.80 -22.72 17.96
C THR A 443 -9.26 -23.77 16.98
N SER A 444 -9.82 -23.80 15.78
CA SER A 444 -9.41 -24.76 14.76
C SER A 444 -7.93 -24.60 14.36
N THR A 445 -7.38 -23.44 14.68
CA THR A 445 -5.99 -23.12 14.36
C THR A 445 -5.09 -23.51 15.53
N LYS A 446 -3.89 -24.00 15.25
CA LYS A 446 -2.94 -24.37 16.31
C LYS A 446 -1.59 -23.79 15.87
N ALA A 447 -1.11 -22.78 16.58
CA ALA A 447 0.16 -22.12 16.22
C ALA A 447 1.19 -22.07 17.34
N TYR A 448 2.43 -21.74 16.97
CA TYR A 448 3.53 -21.62 17.92
C TYR A 448 4.06 -20.20 17.91
N ALA A 449 4.81 -19.84 18.96
CA ALA A 449 5.45 -18.52 19.09
C ALA A 449 6.91 -18.84 18.75
N THR A 450 7.25 -18.65 17.48
CA THR A 450 8.56 -18.98 16.92
C THR A 450 9.76 -18.04 16.98
N ARG A 451 10.94 -18.64 17.12
CA ARG A 451 12.23 -17.94 17.14
C ARG A 451 13.22 -18.75 16.28
N THR A 452 13.95 -18.08 15.38
CA THR A 452 14.92 -18.78 14.53
C THR A 452 16.24 -18.02 14.36
N ILE A 453 17.33 -18.72 14.63
CA ILE A 453 18.70 -18.18 14.52
C ILE A 453 19.28 -18.52 13.13
N LEU A 454 20.04 -17.58 12.57
CA LEU A 454 20.63 -17.78 11.25
C LEU A 454 22.12 -17.51 11.32
N PHE A 455 22.90 -18.24 10.53
CA PHE A 455 24.35 -18.07 10.52
C PHE A 455 24.80 -17.52 9.18
N LEU A 456 25.70 -16.53 9.21
CA LEU A 456 26.24 -15.97 7.99
C LEU A 456 27.40 -16.84 7.54
N LYS A 457 27.18 -17.58 6.45
CA LYS A 457 28.19 -18.47 5.91
C LYS A 457 29.37 -17.70 5.35
N ASN A 458 30.46 -18.42 5.12
CA ASN A 458 31.69 -17.85 4.57
C ASN A 458 31.48 -17.39 3.13
N ASP A 459 30.50 -17.98 2.45
CA ASP A 459 30.21 -17.61 1.06
C ASP A 459 29.02 -16.66 0.98
N GLY A 460 28.87 -15.82 1.99
CA GLY A 460 27.80 -14.84 2.02
C GLY A 460 26.36 -15.32 2.18
N THR A 461 26.10 -16.59 1.92
CA THR A 461 24.75 -17.13 2.06
C THR A 461 24.41 -17.32 3.52
N LEU A 462 23.12 -17.22 3.81
CA LEU A 462 22.62 -17.36 5.18
C LEU A 462 22.13 -18.78 5.39
N ARG A 463 22.32 -19.31 6.59
CA ARG A 463 21.90 -20.67 6.90
C ARG A 463 21.20 -20.78 8.26
N PRO A 464 20.02 -21.44 8.29
CA PRO A 464 19.25 -21.64 9.52
C PRO A 464 20.06 -22.49 10.52
N LEU A 465 20.01 -22.12 11.79
CA LEU A 465 20.73 -22.84 12.83
C LEU A 465 19.79 -23.63 13.72
N ALA A 466 18.91 -22.92 14.43
CA ALA A 466 17.96 -23.55 15.33
C ALA A 466 16.63 -22.81 15.30
N ILE A 467 15.53 -23.56 15.33
CA ILE A 467 14.18 -22.98 15.35
C ILE A 467 13.53 -23.35 16.68
N GLU A 468 13.17 -22.34 17.46
CA GLU A 468 12.53 -22.53 18.77
C GLU A 468 11.01 -22.42 18.66
N LEU A 469 10.32 -23.52 18.91
CA LEU A 469 8.85 -23.56 18.85
C LEU A 469 8.25 -23.41 20.25
N SER A 470 7.76 -22.20 20.55
CA SER A 470 7.20 -21.91 21.86
C SER A 470 5.68 -22.02 21.96
N LEU A 471 5.23 -22.30 23.17
CA LEU A 471 3.82 -22.42 23.50
C LEU A 471 3.60 -21.75 24.86
N PRO A 472 2.36 -21.31 25.13
CA PRO A 472 2.08 -20.66 26.41
C PRO A 472 1.76 -21.72 27.46
N HIS A 473 1.56 -21.27 28.70
CA HIS A 473 1.20 -22.12 29.84
C HIS A 473 1.92 -23.46 30.00
N PRO A 474 3.21 -23.45 30.37
CA PRO A 474 3.91 -24.73 30.54
C PRO A 474 3.11 -25.57 31.53
N GLN A 475 2.55 -24.85 32.51
CA GLN A 475 1.72 -25.37 33.59
C GLN A 475 1.12 -24.16 34.33
N GLY A 476 0.01 -23.65 33.79
CA GLY A 476 -0.63 -22.50 34.39
C GLY A 476 -0.51 -21.33 33.43
N ASP A 477 0.56 -20.55 33.59
CA ASP A 477 0.89 -19.40 32.75
C ASP A 477 2.26 -18.90 33.20
N GLN A 478 2.29 -17.88 34.06
CA GLN A 478 3.50 -17.25 34.59
C GLN A 478 4.76 -18.11 34.45
N SER A 479 5.28 -18.14 33.22
CA SER A 479 6.47 -18.88 32.81
C SER A 479 6.54 -18.90 31.30
N GLY A 480 5.46 -19.33 30.66
CA GLY A 480 5.34 -19.37 29.20
C GLY A 480 6.47 -20.00 28.40
N ALA A 481 7.60 -20.22 29.07
CA ALA A 481 8.79 -20.78 28.46
C ALA A 481 8.64 -22.27 28.11
N PHE A 482 7.47 -22.65 27.60
CA PHE A 482 7.26 -24.04 27.24
C PHE A 482 7.59 -24.18 25.78
N SER A 483 8.88 -24.22 25.49
CA SER A 483 9.35 -24.34 24.12
C SER A 483 10.21 -25.57 23.87
N GLN A 484 10.52 -25.77 22.59
CA GLN A 484 11.34 -26.88 22.11
C GLN A 484 12.09 -26.37 20.88
N VAL A 485 13.37 -26.67 20.79
CA VAL A 485 14.13 -26.21 19.63
C VAL A 485 14.41 -27.35 18.66
N PHE A 486 14.41 -27.01 17.37
CA PHE A 486 14.63 -27.98 16.33
C PHE A 486 15.86 -27.58 15.51
N LEU A 487 16.63 -28.58 15.10
CA LEU A 487 17.84 -28.35 14.34
C LEU A 487 17.68 -28.86 12.92
N PRO A 488 18.46 -28.31 11.96
CA PRO A 488 18.39 -28.73 10.57
C PRO A 488 18.82 -30.18 10.29
N ALA A 489 18.02 -30.87 9.49
CA ALA A 489 18.27 -32.25 9.12
C ALA A 489 17.95 -32.46 7.63
N ASP A 490 18.61 -33.42 7.01
CA ASP A 490 18.44 -33.66 5.58
C ASP A 490 17.81 -34.97 5.10
N GLU A 491 17.57 -35.92 6.01
CA GLU A 491 16.99 -37.20 5.63
C GLU A 491 16.23 -37.88 6.76
N GLY A 492 15.25 -38.71 6.40
CA GLY A 492 14.46 -39.42 7.38
C GLY A 492 13.31 -38.58 7.92
N VAL A 493 12.94 -38.82 9.17
CA VAL A 493 11.86 -38.07 9.81
C VAL A 493 12.36 -36.74 10.33
N GLU A 494 13.65 -36.66 10.60
CA GLU A 494 14.25 -35.44 11.12
C GLU A 494 14.13 -34.30 10.12
N SER A 495 14.20 -34.63 8.84
CA SER A 495 14.09 -33.63 7.78
C SER A 495 12.64 -33.24 7.53
N SER A 496 11.73 -34.21 7.68
CA SER A 496 10.30 -33.96 7.51
C SER A 496 9.79 -33.22 8.76
N ILE A 497 10.58 -33.27 9.83
CA ILE A 497 10.24 -32.58 11.08
C ILE A 497 10.75 -31.15 10.95
N TRP A 498 11.94 -31.01 10.37
CA TRP A 498 12.55 -29.70 10.16
C TRP A 498 11.79 -28.90 9.11
N LEU A 499 11.27 -29.59 8.11
CA LEU A 499 10.48 -28.97 7.04
C LEU A 499 9.25 -28.32 7.66
N LEU A 500 8.65 -29.02 8.63
CA LEU A 500 7.47 -28.49 9.33
C LEU A 500 7.84 -27.39 10.30
N ALA A 501 9.04 -27.46 10.87
CA ALA A 501 9.52 -26.44 11.81
C ALA A 501 9.66 -25.09 11.10
N LYS A 502 9.96 -25.16 9.81
CA LYS A 502 10.09 -23.98 8.97
C LYS A 502 8.70 -23.48 8.61
N ALA A 503 7.77 -24.41 8.42
CA ALA A 503 6.39 -24.06 8.09
C ALA A 503 5.71 -23.33 9.25
N TYR A 504 6.18 -23.57 10.46
CA TYR A 504 5.63 -22.91 11.64
C TYR A 504 6.19 -21.50 11.77
N VAL A 505 7.40 -21.27 11.26
CA VAL A 505 7.97 -19.94 11.29
C VAL A 505 7.32 -19.08 10.20
N VAL A 506 7.20 -19.65 9.00
CA VAL A 506 6.61 -18.96 7.86
C VAL A 506 5.16 -18.57 8.07
N VAL A 507 4.41 -19.43 8.74
CA VAL A 507 3.02 -19.12 9.02
C VAL A 507 2.94 -17.89 9.92
N ASN A 508 3.95 -17.73 10.78
CA ASN A 508 4.02 -16.57 11.68
C ASN A 508 4.48 -15.32 10.94
N ASP A 509 5.46 -15.51 10.06
CA ASP A 509 6.04 -14.43 9.28
C ASP A 509 5.10 -13.79 8.26
N SER A 510 4.35 -14.62 7.56
CA SER A 510 3.41 -14.14 6.53
C SER A 510 2.24 -13.38 7.15
N CYS A 511 1.92 -13.70 8.41
CA CYS A 511 0.83 -13.03 9.11
C CYS A 511 1.35 -11.70 9.66
N TYR A 512 2.60 -11.69 10.14
CA TYR A 512 3.20 -10.45 10.63
C TYR A 512 3.32 -9.51 9.44
N HIS A 513 3.67 -10.08 8.29
CA HIS A 513 3.79 -9.34 7.04
C HIS A 513 2.39 -8.86 6.60
N GLN A 514 1.38 -9.66 6.95
CA GLN A 514 -0.01 -9.41 6.65
C GLN A 514 -0.51 -8.03 7.08
N LEU A 515 -0.72 -7.89 8.39
CA LEU A 515 -1.27 -6.66 8.93
C LEU A 515 -0.28 -5.63 9.40
N VAL A 516 0.96 -6.03 9.62
CA VAL A 516 1.94 -5.07 10.09
C VAL A 516 2.79 -4.50 8.94
N SER A 517 3.76 -5.28 8.47
CA SER A 517 4.65 -4.84 7.39
C SER A 517 3.91 -4.24 6.19
N HIS A 518 2.78 -4.83 5.82
CA HIS A 518 2.01 -4.33 4.70
C HIS A 518 0.82 -3.44 5.07
N TRP A 519 -0.16 -3.97 5.80
CA TRP A 519 -1.33 -3.14 6.17
C TRP A 519 -1.06 -2.00 7.15
N LEU A 520 -0.30 -2.26 8.20
CA LEU A 520 -0.01 -1.22 9.19
C LEU A 520 1.06 -0.20 8.79
N ASN A 521 2.28 -0.67 8.57
CA ASN A 521 3.40 0.22 8.23
C ASN A 521 3.24 1.01 6.94
N THR A 522 2.30 0.60 6.09
CA THR A 522 2.07 1.25 4.82
C THR A 522 0.67 1.87 4.75
N HIS A 523 -0.33 1.03 4.46
CA HIS A 523 -1.72 1.43 4.33
C HIS A 523 -2.36 2.29 5.43
N ALA A 524 -2.36 1.78 6.66
CA ALA A 524 -2.96 2.48 7.78
C ALA A 524 -2.21 3.73 8.22
N VAL A 525 -0.89 3.62 8.32
CA VAL A 525 -0.01 4.71 8.74
C VAL A 525 -0.04 5.95 7.81
N VAL A 526 -0.23 5.71 6.51
CA VAL A 526 -0.25 6.77 5.51
C VAL A 526 -1.55 7.56 5.39
N GLU A 527 -2.69 6.93 5.62
CA GLU A 527 -3.97 7.62 5.50
C GLU A 527 -4.07 8.95 6.26
N PRO A 528 -3.65 9.00 7.53
CA PRO A 528 -3.73 10.26 8.27
C PRO A 528 -3.01 11.44 7.59
N PHE A 529 -1.92 11.17 6.85
CA PHE A 529 -1.18 12.23 6.14
C PHE A 529 -1.99 12.79 4.97
N ILE A 530 -2.74 11.94 4.31
CA ILE A 530 -3.54 12.38 3.17
C ILE A 530 -4.59 13.37 3.64
N ILE A 531 -5.23 13.05 4.77
CA ILE A 531 -6.26 13.88 5.35
C ILE A 531 -5.68 15.20 5.87
N ALA A 532 -4.56 15.15 6.60
CA ALA A 532 -3.94 16.36 7.14
C ALA A 532 -3.45 17.31 6.05
N THR A 533 -2.90 16.74 4.98
CA THR A 533 -2.39 17.52 3.84
C THR A 533 -3.52 18.26 3.11
N ASN A 534 -4.58 17.54 2.77
CA ASN A 534 -5.73 18.11 2.06
C ASN A 534 -6.52 19.14 2.86
N ARG A 535 -6.53 18.98 4.18
CA ARG A 535 -7.24 19.89 5.08
C ARG A 535 -6.50 21.20 5.35
N HIS A 536 -5.17 21.17 5.25
CA HIS A 536 -4.39 22.36 5.57
C HIS A 536 -3.44 22.97 4.56
N LEU A 537 -3.04 22.22 3.54
CA LEU A 537 -2.15 22.76 2.53
C LEU A 537 -3.00 23.01 1.30
N SER A 538 -2.97 24.24 0.80
CA SER A 538 -3.74 24.58 -0.40
C SER A 538 -3.11 23.85 -1.60
N VAL A 539 -3.92 23.48 -2.60
CA VAL A 539 -3.39 22.81 -3.81
C VAL A 539 -2.24 23.59 -4.43
N VAL A 540 -2.22 24.88 -4.14
CA VAL A 540 -1.21 25.83 -4.62
C VAL A 540 0.09 25.75 -3.81
N HIS A 541 0.06 25.11 -2.66
CA HIS A 541 1.24 25.00 -1.82
C HIS A 541 2.29 24.07 -2.42
N PRO A 542 3.58 24.41 -2.26
CA PRO A 542 4.70 23.62 -2.76
C PRO A 542 4.77 22.21 -2.18
N ILE A 543 4.54 22.07 -0.87
CA ILE A 543 4.60 20.76 -0.25
C ILE A 543 3.40 19.92 -0.65
N TYR A 544 2.29 20.58 -0.95
CA TYR A 544 1.09 19.87 -1.42
C TYR A 544 1.38 19.23 -2.77
N LYS A 545 2.06 19.97 -3.64
CA LYS A 545 2.42 19.46 -4.98
C LYS A 545 3.46 18.35 -4.97
N LEU A 546 4.40 18.41 -4.03
CA LEU A 546 5.44 17.39 -3.89
C LEU A 546 4.86 16.05 -3.42
N LEU A 547 3.93 16.13 -2.48
CA LEU A 547 3.27 14.98 -1.87
C LEU A 547 2.14 14.36 -2.66
N HIS A 548 1.27 15.21 -3.22
CA HIS A 548 0.08 14.77 -3.93
C HIS A 548 0.08 13.46 -4.71
N PRO A 549 1.02 13.27 -5.65
CA PRO A 549 1.02 12.02 -6.42
C PRO A 549 1.23 10.73 -5.62
N HIS A 550 1.83 10.86 -4.45
CA HIS A 550 2.10 9.69 -3.62
C HIS A 550 0.95 9.28 -2.72
N TYR A 551 -0.23 9.86 -2.96
CA TYR A 551 -1.44 9.57 -2.20
C TYR A 551 -2.50 9.00 -3.14
N ARG A 552 -2.15 8.85 -4.42
CA ARG A 552 -3.07 8.33 -5.43
C ARG A 552 -3.78 6.99 -5.14
N ASP A 553 -5.12 7.05 -5.11
CA ASP A 553 -5.98 5.87 -4.89
C ASP A 553 -5.82 5.18 -3.53
N THR A 554 -5.14 5.83 -2.59
CA THR A 554 -4.91 5.27 -1.25
C THR A 554 -6.14 5.22 -0.33
N MET A 555 -6.93 6.28 -0.29
CA MET A 555 -8.13 6.28 0.55
C MET A 555 -9.20 5.36 -0.02
N ASN A 556 -9.05 5.02 -1.30
CA ASN A 556 -9.97 4.13 -2.01
C ASN A 556 -9.68 2.66 -1.68
N ILE A 557 -8.41 2.27 -1.68
CA ILE A 557 -8.03 0.90 -1.34
C ILE A 557 -8.29 0.60 0.16
N ASN A 558 -8.03 1.59 1.02
CA ASN A 558 -8.24 1.46 2.47
C ASN A 558 -9.72 1.43 2.83
N GLY A 559 -10.54 1.98 1.94
CA GLY A 559 -11.96 1.99 2.14
C GLY A 559 -12.47 0.60 1.82
N LEU A 560 -11.93 0.00 0.77
CA LEU A 560 -12.31 -1.35 0.38
C LEU A 560 -11.78 -2.31 1.44
N ALA A 561 -10.59 -2.01 1.95
CA ALA A 561 -9.97 -2.84 2.98
C ALA A 561 -10.91 -2.96 4.19
N ARG A 562 -11.39 -1.84 4.70
CA ARG A 562 -12.30 -1.85 5.85
C ARG A 562 -13.60 -2.55 5.51
N LEU A 563 -13.96 -2.53 4.23
CA LEU A 563 -15.17 -3.19 3.74
C LEU A 563 -15.03 -4.71 3.55
N SER A 564 -14.00 -5.14 2.83
CA SER A 564 -13.81 -6.57 2.53
C SER A 564 -12.55 -7.32 2.96
N LEU A 565 -11.52 -6.62 3.41
CA LEU A 565 -10.27 -7.29 3.75
C LEU A 565 -9.96 -7.53 5.21
N VAL A 566 -10.13 -6.49 6.01
CA VAL A 566 -9.77 -6.60 7.41
C VAL A 566 -10.99 -6.41 8.34
N ASN A 567 -12.17 -6.75 7.83
CA ASN A 567 -13.41 -6.63 8.58
C ASN A 567 -13.83 -7.97 9.18
N ASP A 568 -14.91 -7.91 9.97
CA ASP A 568 -15.48 -9.08 10.65
C ASP A 568 -15.65 -10.33 9.79
N GLY A 569 -16.42 -10.23 8.71
CA GLY A 569 -16.59 -11.39 7.84
C GLY A 569 -15.43 -11.54 6.86
N GLY A 570 -14.54 -10.55 6.88
CA GLY A 570 -13.39 -10.47 6.00
C GLY A 570 -12.61 -11.66 5.51
N VAL A 571 -11.75 -11.36 4.53
CA VAL A 571 -10.87 -12.33 3.90
C VAL A 571 -9.60 -12.57 4.71
N ILE A 572 -9.13 -11.54 5.41
CA ILE A 572 -7.92 -11.68 6.19
C ILE A 572 -8.11 -12.54 7.43
N GLU A 573 -9.31 -12.52 7.99
CA GLU A 573 -9.63 -13.32 9.19
C GLU A 573 -9.82 -14.81 8.89
N GLN A 574 -10.19 -15.11 7.64
CA GLN A 574 -10.41 -16.48 7.23
C GLN A 574 -9.13 -17.16 6.75
N THR A 575 -8.20 -16.36 6.23
CA THR A 575 -6.97 -16.89 5.65
C THR A 575 -5.72 -16.82 6.51
N PHE A 576 -5.73 -15.97 7.54
CA PHE A 576 -4.54 -15.83 8.37
C PHE A 576 -4.58 -16.32 9.80
N LEU A 577 -3.39 -16.68 10.27
CA LEU A 577 -3.14 -17.22 11.60
C LEU A 577 -3.78 -16.49 12.78
N TRP A 578 -3.58 -15.17 12.83
CA TRP A 578 -4.12 -14.36 13.91
C TRP A 578 -5.65 -14.40 13.93
N GLY A 579 -6.23 -14.75 12.79
CA GLY A 579 -7.67 -14.86 12.66
C GLY A 579 -8.51 -13.68 13.13
N ARG A 580 -9.49 -13.96 13.97
CA ARG A 580 -10.36 -12.91 14.46
C ARG A 580 -9.65 -11.81 15.23
N TYR A 581 -8.50 -12.13 15.81
CA TYR A 581 -7.71 -11.15 16.57
C TYR A 581 -6.69 -10.43 15.67
N SER A 582 -6.84 -10.56 14.35
CA SER A 582 -5.90 -9.97 13.37
C SER A 582 -5.52 -8.49 13.55
N VAL A 583 -6.47 -7.60 13.40
CA VAL A 583 -6.21 -6.18 13.48
C VAL A 583 -5.84 -5.71 14.89
N GLU A 584 -6.47 -6.29 15.91
CA GLU A 584 -6.20 -5.94 17.31
C GLU A 584 -4.73 -6.05 17.60
N MET A 585 -4.15 -7.16 17.15
CA MET A 585 -2.72 -7.42 17.36
C MET A 585 -1.86 -6.41 16.62
N SER A 586 -2.34 -5.93 15.47
CA SER A 586 -1.59 -4.93 14.72
C SER A 586 -1.67 -3.58 15.46
N ALA A 587 -2.73 -3.40 16.25
CA ALA A 587 -2.90 -2.19 17.06
C ALA A 587 -1.89 -2.27 18.20
N VAL A 588 -1.68 -3.48 18.70
CA VAL A 588 -0.72 -3.74 19.79
C VAL A 588 0.68 -3.48 19.29
N VAL A 589 1.00 -3.98 18.10
CA VAL A 589 2.31 -3.78 17.50
C VAL A 589 2.51 -2.28 17.22
N TYR A 590 1.41 -1.59 16.88
CA TYR A 590 1.44 -0.16 16.59
C TYR A 590 2.03 0.62 17.76
N LYS A 591 1.89 0.08 18.96
CA LYS A 591 2.43 0.73 20.15
C LYS A 591 3.92 1.00 19.98
N ASP A 592 4.58 0.17 19.18
CA ASP A 592 6.02 0.30 18.99
C ASP A 592 6.47 1.05 17.76
N TRP A 593 5.52 1.45 16.93
CA TRP A 593 5.83 2.17 15.71
C TRP A 593 6.42 3.57 15.98
N VAL A 594 7.52 3.88 15.31
CA VAL A 594 8.21 5.16 15.43
C VAL A 594 8.47 5.72 14.04
N PHE A 595 7.85 6.85 13.73
CA PHE A 595 7.95 7.52 12.43
C PHE A 595 9.34 7.63 11.85
N THR A 596 10.24 8.23 12.61
CA THR A 596 11.61 8.41 12.16
C THR A 596 12.37 7.11 11.97
N ASP A 597 11.89 6.02 12.59
CA ASP A 597 12.53 4.71 12.44
C ASP A 597 12.10 4.00 11.17
N GLN A 598 11.19 4.62 10.43
CA GLN A 598 10.69 4.06 9.17
C GLN A 598 11.65 4.37 8.06
N ALA A 599 12.49 5.37 8.28
CA ALA A 599 13.51 5.78 7.33
C ALA A 599 14.38 4.55 7.17
N LEU A 600 14.63 4.18 5.91
CA LEU A 600 15.44 3.00 5.62
C LEU A 600 16.77 2.93 6.36
N PRO A 601 17.58 4.02 6.34
CA PRO A 601 18.87 4.01 7.04
C PRO A 601 18.68 3.75 8.53
N ALA A 602 17.76 4.49 9.14
CA ALA A 602 17.47 4.35 10.57
C ALA A 602 16.95 2.96 10.90
N ASP A 603 16.23 2.35 9.96
CA ASP A 603 15.71 1.01 10.20
C ASP A 603 16.83 -0.01 10.20
N LEU A 604 17.73 0.10 9.22
CA LEU A 604 18.84 -0.83 9.12
C LEU A 604 19.71 -0.80 10.38
N ILE A 605 20.00 0.40 10.86
CA ILE A 605 20.81 0.58 12.08
C ILE A 605 20.13 -0.03 13.30
N LYS A 606 18.84 0.26 13.45
CA LYS A 606 18.05 -0.22 14.59
C LYS A 606 17.99 -1.75 14.69
N ARG A 607 17.93 -2.43 13.56
CA ARG A 607 17.90 -3.89 13.53
C ARG A 607 19.33 -4.42 13.56
N GLY A 608 20.30 -3.51 13.61
CA GLY A 608 21.69 -3.88 13.66
C GLY A 608 22.27 -4.43 12.37
N MET A 609 21.57 -4.24 11.27
CA MET A 609 22.04 -4.75 9.97
C MET A 609 23.03 -3.79 9.31
N ALA A 610 23.27 -2.64 9.95
CA ALA A 610 24.18 -1.64 9.44
C ALA A 610 24.80 -0.82 10.56
N ILE A 611 25.99 -0.31 10.29
CA ILE A 611 26.72 0.53 11.24
C ILE A 611 27.16 1.79 10.49
N GLU A 612 27.00 2.96 11.10
CA GLU A 612 27.38 4.21 10.44
C GLU A 612 28.84 4.22 9.99
N ASP A 613 29.04 4.55 8.72
CA ASP A 613 30.39 4.58 8.13
C ASP A 613 30.39 5.55 6.96
N PRO A 614 30.94 6.77 7.16
CA PRO A 614 31.05 7.84 6.16
C PRO A 614 31.91 7.45 4.96
N SER A 615 32.83 6.51 5.21
CA SER A 615 33.74 6.00 4.20
C SER A 615 32.95 5.17 3.17
N CYS A 616 31.74 4.78 3.55
CA CYS A 616 30.86 3.98 2.71
C CYS A 616 29.96 4.84 1.82
N PRO A 617 29.47 4.27 0.70
CA PRO A 617 28.60 4.87 -0.32
C PRO A 617 27.41 5.75 0.10
N HIS A 618 26.70 5.36 1.16
CA HIS A 618 25.55 6.15 1.62
C HIS A 618 25.65 6.48 3.10
N GLY A 619 26.87 6.69 3.59
CA GLY A 619 27.08 7.02 5.00
C GLY A 619 26.89 5.93 6.03
N ILE A 620 26.67 4.70 5.57
CA ILE A 620 26.49 3.56 6.47
C ILE A 620 27.16 2.29 5.93
N ARG A 621 27.70 1.50 6.85
CA ARG A 621 28.35 0.24 6.50
C ARG A 621 27.38 -0.90 6.78
N LEU A 622 27.28 -1.84 5.86
CA LEU A 622 26.38 -2.98 6.02
C LEU A 622 27.04 -4.30 6.40
N VAL A 623 26.47 -4.95 7.41
CA VAL A 623 26.92 -6.27 7.86
C VAL A 623 26.06 -7.05 6.88
N ILE A 624 26.60 -8.12 6.29
CA ILE A 624 25.90 -8.87 5.25
C ILE A 624 25.56 -7.86 4.14
N GLU A 625 26.52 -7.63 3.25
CA GLU A 625 26.33 -6.66 2.16
C GLU A 625 25.56 -7.24 1.00
N ASP A 626 25.39 -8.56 1.05
CA ASP A 626 24.66 -9.33 0.05
C ASP A 626 23.16 -9.30 0.44
N TYR A 627 22.66 -8.10 0.72
CA TYR A 627 21.29 -7.86 1.17
C TYR A 627 20.56 -7.03 0.11
N PRO A 628 19.91 -7.69 -0.87
CA PRO A 628 19.19 -7.04 -1.96
C PRO A 628 18.23 -5.93 -1.58
N TYR A 629 17.25 -6.24 -0.73
CA TYR A 629 16.29 -5.25 -0.30
C TYR A 629 17.01 -3.97 0.15
N THR A 630 17.85 -4.14 1.17
CA THR A 630 18.60 -3.04 1.74
C THR A 630 19.53 -2.34 0.76
N VAL A 631 20.32 -3.11 0.03
CA VAL A 631 21.28 -2.55 -0.92
C VAL A 631 20.60 -1.79 -2.06
N ASP A 632 19.53 -2.33 -2.61
CA ASP A 632 18.80 -1.67 -3.70
C ASP A 632 18.03 -0.48 -3.17
N GLY A 633 17.28 -0.72 -2.08
CA GLY A 633 16.48 0.33 -1.49
C GLY A 633 17.26 1.53 -1.00
N LEU A 634 18.52 1.34 -0.66
CA LEU A 634 19.36 2.44 -0.18
C LEU A 634 19.66 3.43 -1.32
N GLU A 635 19.74 2.90 -2.54
CA GLU A 635 19.96 3.71 -3.72
C GLU A 635 18.70 4.55 -3.98
N ILE A 636 17.53 3.90 -3.89
CA ILE A 636 16.23 4.53 -4.08
C ILE A 636 15.85 5.54 -2.99
N TRP A 637 16.12 5.21 -1.72
CA TRP A 637 15.85 6.11 -0.59
C TRP A 637 16.69 7.38 -0.76
N ASP A 638 17.93 7.19 -1.22
CA ASP A 638 18.86 8.28 -1.46
C ASP A 638 18.34 9.18 -2.56
N ALA A 639 17.81 8.57 -3.62
CA ALA A 639 17.25 9.30 -4.75
C ALA A 639 16.08 10.17 -4.28
N ILE A 640 15.27 9.62 -3.37
CA ILE A 640 14.12 10.33 -2.82
C ILE A 640 14.58 11.52 -1.98
N LYS A 641 15.51 11.24 -1.06
CA LYS A 641 16.09 12.22 -0.14
C LYS A 641 16.77 13.40 -0.83
N THR A 642 17.37 13.14 -1.99
CA THR A 642 18.05 14.19 -2.75
C THR A 642 17.03 15.07 -3.47
N TRP A 643 15.98 14.45 -3.98
CA TRP A 643 14.90 15.13 -4.69
C TRP A 643 14.08 16.03 -3.76
N VAL A 644 13.70 15.53 -2.60
CA VAL A 644 12.93 16.32 -1.63
C VAL A 644 13.75 17.52 -1.14
N HIS A 645 15.03 17.29 -0.84
CA HIS A 645 15.93 18.36 -0.39
C HIS A 645 16.07 19.47 -1.42
N GLU A 646 16.32 19.09 -2.67
CA GLU A 646 16.45 20.05 -3.76
C GLU A 646 15.17 20.86 -3.84
N TYR A 647 14.04 20.16 -3.73
CA TYR A 647 12.72 20.75 -3.82
C TYR A 647 12.31 21.66 -2.66
N VAL A 648 12.62 21.25 -1.43
CA VAL A 648 12.27 22.05 -0.26
C VAL A 648 13.11 23.32 -0.12
N PHE A 649 14.40 23.22 -0.37
CA PHE A 649 15.26 24.40 -0.29
C PHE A 649 15.00 25.35 -1.47
N LEU A 650 14.20 24.89 -2.42
CA LEU A 650 13.85 25.69 -3.59
C LEU A 650 12.80 26.71 -3.19
N TYR A 651 12.04 26.39 -2.14
CA TYR A 651 10.98 27.28 -1.71
C TYR A 651 11.19 28.00 -0.40
N TYR A 652 11.95 27.39 0.51
CA TYR A 652 12.21 27.99 1.80
C TYR A 652 13.60 28.61 1.87
N LYS A 653 13.64 29.93 2.07
CA LYS A 653 14.90 30.67 2.13
C LYS A 653 15.67 30.49 3.42
N SER A 654 14.96 30.12 4.49
CA SER A 654 15.53 29.94 5.82
C SER A 654 14.61 29.12 6.70
N ASP A 655 15.07 28.78 7.90
CA ASP A 655 14.30 28.01 8.87
C ASP A 655 13.08 28.79 9.38
N ASP A 656 13.28 30.08 9.59
CA ASP A 656 12.20 30.94 10.07
C ASP A 656 11.08 31.02 9.06
N THR A 657 11.45 30.92 7.79
CA THR A 657 10.50 30.95 6.70
C THR A 657 9.55 29.77 6.86
N LEU A 658 10.09 28.67 7.39
CA LEU A 658 9.33 27.46 7.63
C LEU A 658 8.42 27.58 8.84
N ARG A 659 8.96 28.15 9.91
CA ARG A 659 8.22 28.34 11.15
C ARG A 659 7.05 29.27 10.99
N GLU A 660 7.19 30.23 10.08
CA GLU A 660 6.12 31.19 9.82
C GLU A 660 5.20 30.78 8.67
N ASP A 661 5.16 29.49 8.39
CA ASP A 661 4.29 28.93 7.34
C ASP A 661 3.09 28.39 8.11
N PRO A 662 1.96 29.11 8.09
CA PRO A 662 0.75 28.72 8.79
C PRO A 662 0.07 27.46 8.22
N GLU A 663 0.23 27.21 6.93
CA GLU A 663 -0.38 26.02 6.33
C GLU A 663 0.33 24.74 6.73
N LEU A 664 1.65 24.73 6.65
CA LEU A 664 2.42 23.55 7.01
C LEU A 664 2.40 23.29 8.51
N GLN A 665 2.48 24.35 9.31
CA GLN A 665 2.48 24.24 10.77
C GLN A 665 1.15 23.70 11.28
N ALA A 666 0.04 24.14 10.68
CA ALA A 666 -1.28 23.67 11.06
C ALA A 666 -1.46 22.23 10.59
N CYS A 667 -0.75 21.86 9.52
CA CYS A 667 -0.79 20.53 8.94
C CYS A 667 -0.06 19.55 9.86
N TRP A 668 1.16 19.90 10.26
CA TRP A 668 1.96 19.04 11.13
C TRP A 668 1.37 18.88 12.53
N LYS A 669 0.82 19.95 13.08
CA LYS A 669 0.20 19.94 14.40
C LYS A 669 -0.93 18.91 14.43
N GLU A 670 -1.84 19.03 13.48
CA GLU A 670 -3.00 18.15 13.34
C GLU A 670 -2.65 16.69 13.04
N LEU A 671 -1.61 16.47 12.24
CA LEU A 671 -1.15 15.12 11.91
C LEU A 671 -0.65 14.42 13.19
N VAL A 672 0.09 15.17 14.01
CA VAL A 672 0.64 14.65 15.26
C VAL A 672 -0.45 14.48 16.33
N GLU A 673 -1.16 15.56 16.62
CA GLU A 673 -2.20 15.55 17.65
C GLU A 673 -3.49 14.85 17.29
N VAL A 674 -3.78 14.71 16.00
CA VAL A 674 -5.01 14.08 15.58
C VAL A 674 -4.85 12.83 14.72
N GLY A 675 -4.22 13.00 13.56
CA GLY A 675 -4.01 11.89 12.63
C GLY A 675 -3.44 10.64 13.28
N HIS A 676 -2.33 10.82 13.98
CA HIS A 676 -1.65 9.77 14.74
C HIS A 676 -1.68 10.26 16.19
N GLY A 677 -2.87 10.68 16.60
CA GLY A 677 -3.13 11.24 17.93
C GLY A 677 -2.78 10.42 19.14
N ASP A 678 -2.84 9.09 19.03
CA ASP A 678 -2.50 8.25 20.18
C ASP A 678 -1.01 8.36 20.54
N LYS A 679 -0.23 8.92 19.61
CA LYS A 679 1.21 9.10 19.82
C LYS A 679 1.59 10.57 19.97
N LYS A 680 0.60 11.44 20.23
CA LYS A 680 0.86 12.89 20.32
C LYS A 680 1.90 13.34 21.34
N ASN A 681 2.01 12.61 22.44
CA ASN A 681 2.97 12.97 23.49
C ASN A 681 4.32 12.27 23.32
N GLU A 682 4.55 11.69 22.15
CA GLU A 682 5.81 11.01 21.84
C GLU A 682 6.86 12.06 21.50
N PRO A 683 8.05 11.95 22.11
CA PRO A 683 9.17 12.88 21.90
C PRO A 683 9.90 12.84 20.56
N TRP A 684 9.86 11.70 19.88
CA TRP A 684 10.54 11.57 18.59
C TRP A 684 9.95 12.30 17.40
N TRP A 685 8.77 12.90 17.55
CA TRP A 685 8.15 13.60 16.42
C TRP A 685 8.96 14.84 16.04
N PRO A 686 9.36 14.95 14.77
CA PRO A 686 10.13 16.14 14.37
C PRO A 686 9.26 17.36 14.61
N LYS A 687 9.85 18.39 15.20
CA LYS A 687 9.12 19.61 15.49
C LYS A 687 9.41 20.60 14.38
N MET A 688 8.61 20.60 13.31
CA MET A 688 8.77 21.49 12.15
C MET A 688 9.30 22.88 12.51
N GLN A 689 10.61 22.97 12.68
CA GLN A 689 11.28 24.20 13.08
C GLN A 689 12.55 24.34 12.23
N THR A 690 12.85 23.29 11.47
CA THR A 690 14.04 23.19 10.62
C THR A 690 13.63 22.74 9.22
N ARG A 691 14.41 23.14 8.20
CA ARG A 691 14.14 22.75 6.81
C ARG A 691 14.49 21.28 6.52
N GLU A 692 15.53 20.78 7.20
CA GLU A 692 15.98 19.41 7.02
C GLU A 692 15.06 18.44 7.75
N GLU A 693 14.13 18.99 8.55
CA GLU A 693 13.15 18.21 9.28
C GLU A 693 11.98 17.93 8.32
N LEU A 694 11.63 18.94 7.54
CA LEU A 694 10.56 18.81 6.55
C LEU A 694 11.05 17.87 5.45
N VAL A 695 12.35 17.93 5.17
CA VAL A 695 12.98 17.10 4.16
C VAL A 695 12.87 15.65 4.60
N GLU A 696 13.28 15.39 5.84
CA GLU A 696 13.22 14.06 6.39
C GLU A 696 11.78 13.53 6.40
N ALA A 697 10.86 14.30 6.97
CA ALA A 697 9.45 13.93 7.08
C ALA A 697 8.82 13.60 5.73
N CYS A 698 9.12 14.40 4.71
CA CYS A 698 8.56 14.15 3.39
C CYS A 698 9.20 12.92 2.76
N ALA A 699 10.48 12.72 3.01
CA ALA A 699 11.19 11.58 2.46
C ALA A 699 10.65 10.25 3.00
N ILE A 700 10.27 10.24 4.29
CA ILE A 700 9.75 9.05 4.92
C ILE A 700 8.35 8.74 4.38
N ILE A 701 7.57 9.79 4.15
CA ILE A 701 6.22 9.64 3.61
C ILE A 701 6.26 9.03 2.21
N ILE A 702 7.12 9.61 1.36
CA ILE A 702 7.29 9.14 -0.02
C ILE A 702 7.88 7.73 -0.05
N TRP A 703 8.88 7.47 0.78
CA TRP A 703 9.50 6.15 0.85
C TRP A 703 8.43 5.09 1.15
N THR A 704 7.63 5.36 2.17
CA THR A 704 6.56 4.49 2.63
C THR A 704 5.49 4.24 1.58
N ALA A 705 5.05 5.31 0.92
CA ALA A 705 4.02 5.23 -0.10
C ALA A 705 4.49 4.55 -1.39
N SER A 706 5.77 4.66 -1.73
CA SER A 706 6.23 4.06 -2.99
C SER A 706 7.14 2.86 -2.86
N ALA A 707 8.37 3.10 -2.43
CA ALA A 707 9.36 2.03 -2.32
C ALA A 707 9.15 0.96 -1.25
N LEU A 708 8.62 1.36 -0.09
CA LEU A 708 8.39 0.40 0.98
C LEU A 708 7.24 -0.52 0.62
N HIS A 709 6.17 0.08 0.13
CA HIS A 709 4.99 -0.67 -0.25
C HIS A 709 5.26 -1.62 -1.42
N ALA A 710 6.05 -1.16 -2.38
CA ALA A 710 6.39 -1.98 -3.54
C ALA A 710 7.14 -3.25 -3.13
N ALA A 711 8.18 -3.07 -2.32
CA ALA A 711 9.01 -4.18 -1.86
C ALA A 711 8.20 -5.21 -1.08
N VAL A 712 7.30 -4.72 -0.24
CA VAL A 712 6.48 -5.55 0.61
C VAL A 712 5.25 -6.16 -0.08
N ASN A 713 4.79 -5.55 -1.16
CA ASN A 713 3.59 -6.02 -1.86
C ASN A 713 3.68 -6.81 -3.17
N PHE A 714 4.49 -6.36 -4.12
CA PHE A 714 4.56 -7.02 -5.44
C PHE A 714 5.23 -8.37 -5.60
N GLY A 715 5.81 -8.87 -4.52
CA GLY A 715 6.43 -10.18 -4.55
C GLY A 715 5.54 -11.14 -3.78
N GLN A 716 4.27 -10.78 -3.62
CA GLN A 716 3.33 -11.64 -2.88
C GLN A 716 2.96 -12.93 -3.60
N TYR A 717 2.53 -12.82 -4.85
CA TYR A 717 2.17 -14.01 -5.62
C TYR A 717 3.40 -14.79 -6.10
N PRO A 718 4.44 -14.08 -6.61
CA PRO A 718 5.66 -14.72 -7.11
C PRO A 718 6.33 -15.65 -6.09
N TYR A 719 6.25 -15.29 -4.81
CA TYR A 719 6.82 -16.07 -3.72
C TYR A 719 5.75 -16.89 -2.98
N GLY A 720 4.66 -16.22 -2.61
CA GLY A 720 3.57 -16.87 -1.89
C GLY A 720 2.41 -17.43 -2.73
N GLY A 721 2.59 -17.46 -4.05
CA GLY A 721 1.57 -18.01 -4.94
C GLY A 721 1.53 -19.52 -4.83
N LEU A 722 2.57 -20.06 -4.20
CA LEU A 722 2.73 -21.48 -3.94
C LEU A 722 2.45 -21.53 -2.44
N ILE A 723 1.26 -21.99 -2.07
CA ILE A 723 0.88 -22.07 -0.67
C ILE A 723 1.89 -22.88 0.14
N LEU A 724 2.70 -23.67 -0.55
CA LEU A 724 3.71 -24.51 0.10
C LEU A 724 4.85 -23.66 0.64
N ASN A 725 5.29 -22.69 -0.15
CA ASN A 725 6.38 -21.78 0.20
C ASN A 725 6.05 -20.80 1.32
N ARG A 726 4.85 -20.21 1.28
CA ARG A 726 4.41 -19.25 2.29
C ARG A 726 2.99 -19.56 2.77
N PRO A 727 2.82 -20.59 3.64
CA PRO A 727 1.49 -20.96 4.15
C PRO A 727 0.98 -19.85 5.09
N THR A 728 -0.34 -19.71 5.18
CA THR A 728 -0.92 -18.64 5.99
C THR A 728 -1.50 -19.02 7.37
N LEU A 729 -1.54 -20.31 7.68
CA LEU A 729 -2.04 -20.77 8.97
C LEU A 729 -1.69 -22.24 9.23
N SER A 730 -1.47 -22.60 10.50
CA SER A 730 -1.16 -23.99 10.82
C SER A 730 -2.28 -24.60 11.68
N ARG A 731 -2.61 -25.86 11.40
CA ARG A 731 -3.69 -26.56 12.09
C ARG A 731 -3.28 -27.66 13.07
N ARG A 732 -2.03 -28.09 12.99
CA ARG A 732 -1.53 -29.14 13.86
C ARG A 732 -0.27 -28.77 14.61
N PHE A 733 -0.07 -29.42 15.75
CA PHE A 733 1.13 -29.24 16.55
C PHE A 733 2.06 -30.30 15.96
N MET A 734 3.34 -30.27 16.33
CA MET A 734 4.32 -31.24 15.85
C MET A 734 4.03 -32.67 16.28
N PRO A 735 4.06 -33.63 15.34
CA PRO A 735 3.81 -35.03 15.66
C PRO A 735 4.81 -35.46 16.72
N GLU A 736 4.36 -36.29 17.66
CA GLU A 736 5.21 -36.73 18.76
C GLU A 736 5.34 -38.26 18.87
N LYS A 737 6.31 -38.68 19.68
CA LYS A 737 6.64 -40.09 19.98
C LYS A 737 6.33 -41.15 18.92
N GLY A 738 5.28 -41.93 19.16
CA GLY A 738 4.92 -42.98 18.22
C GLY A 738 3.54 -42.82 17.61
N SER A 739 2.91 -41.67 17.83
CA SER A 739 1.57 -41.38 17.32
C SER A 739 1.37 -41.74 15.83
N ALA A 740 0.11 -41.96 15.47
CA ALA A 740 -0.24 -42.30 14.10
C ALA A 740 0.09 -41.15 13.13
N GLU A 741 0.35 -39.96 13.69
CA GLU A 741 0.69 -38.79 12.90
C GLU A 741 2.21 -38.66 12.78
N TYR A 742 2.93 -39.16 13.78
CA TYR A 742 4.38 -39.14 13.73
C TYR A 742 4.75 -40.16 12.67
N GLU A 743 4.05 -41.29 12.67
CA GLU A 743 4.29 -42.33 11.70
C GLU A 743 3.82 -41.92 10.32
N GLU A 744 2.89 -40.98 10.25
CA GLU A 744 2.42 -40.49 8.95
C GLU A 744 3.52 -39.67 8.26
N LEU A 745 4.40 -39.05 9.03
CA LEU A 745 5.53 -38.31 8.43
C LEU A 745 6.39 -39.31 7.68
N ARG A 746 6.48 -40.52 8.24
CA ARG A 746 7.24 -41.61 7.66
C ARG A 746 6.58 -42.17 6.40
N LYS A 747 5.28 -42.42 6.49
CA LYS A 747 4.54 -42.95 5.36
C LYS A 747 4.37 -41.93 4.25
N ASN A 748 3.58 -40.89 4.53
CA ASN A 748 3.30 -39.84 3.55
C ASN A 748 3.53 -38.45 4.15
N PRO A 749 4.79 -37.97 4.14
CA PRO A 749 5.18 -36.65 4.66
C PRO A 749 4.53 -35.46 3.96
N GLN A 750 4.09 -35.67 2.73
CA GLN A 750 3.44 -34.61 1.98
C GLN A 750 2.03 -34.39 2.51
N LYS A 751 1.35 -35.48 2.88
CA LYS A 751 0.00 -35.36 3.44
C LYS A 751 0.13 -34.71 4.82
N ALA A 752 1.18 -35.08 5.55
CA ALA A 752 1.46 -34.53 6.88
C ALA A 752 1.57 -33.01 6.77
N TYR A 753 2.39 -32.56 5.82
CA TYR A 753 2.61 -31.15 5.56
C TYR A 753 1.28 -30.46 5.23
N LEU A 754 0.60 -30.94 4.20
CA LEU A 754 -0.68 -30.38 3.76
C LEU A 754 -1.75 -30.28 4.85
N LYS A 755 -1.74 -31.22 5.80
CA LYS A 755 -2.71 -31.20 6.89
C LYS A 755 -2.27 -30.27 8.04
N THR A 756 -1.06 -29.75 7.93
CA THR A 756 -0.52 -28.86 8.95
C THR A 756 -0.63 -27.39 8.54
N ILE A 757 -0.95 -27.14 7.27
CA ILE A 757 -1.07 -25.77 6.77
C ILE A 757 -2.44 -25.48 6.20
N THR A 758 -2.57 -24.29 5.61
CA THR A 758 -3.82 -23.82 5.02
C THR A 758 -4.61 -24.85 4.22
N PRO A 759 -5.87 -25.07 4.59
CA PRO A 759 -6.69 -26.04 3.84
C PRO A 759 -6.98 -25.50 2.43
N LYS A 760 -7.50 -26.35 1.56
CA LYS A 760 -7.80 -25.99 0.18
C LYS A 760 -8.66 -24.75 -0.08
N PHE A 761 -9.83 -24.67 0.55
CA PHE A 761 -10.69 -23.50 0.33
C PHE A 761 -9.97 -22.18 0.62
N GLN A 762 -9.29 -22.08 1.77
CA GLN A 762 -8.56 -20.85 2.15
C GLN A 762 -7.31 -20.61 1.29
N THR A 763 -6.81 -21.67 0.66
CA THR A 763 -5.66 -21.59 -0.22
C THR A 763 -6.09 -20.92 -1.52
N LEU A 764 -7.30 -21.26 -1.98
CA LEU A 764 -7.88 -20.73 -3.21
C LEU A 764 -8.34 -19.29 -3.10
N ILE A 765 -8.62 -18.87 -1.86
CA ILE A 765 -9.03 -17.50 -1.57
C ILE A 765 -7.79 -16.62 -1.46
N ASP A 766 -6.77 -17.17 -0.81
CA ASP A 766 -5.51 -16.49 -0.61
C ASP A 766 -4.87 -16.18 -1.96
N LEU A 767 -4.83 -17.16 -2.84
CA LEU A 767 -4.24 -17.00 -4.17
C LEU A 767 -4.96 -16.01 -5.06
N SER A 768 -6.29 -16.01 -5.03
CA SER A 768 -7.06 -15.09 -5.86
C SER A 768 -7.02 -13.64 -5.35
N VAL A 769 -6.55 -13.46 -4.12
CA VAL A 769 -6.45 -12.13 -3.52
C VAL A 769 -5.05 -11.53 -3.72
N ILE A 770 -4.00 -12.26 -3.33
CA ILE A 770 -2.62 -11.79 -3.48
C ILE A 770 -2.21 -11.71 -4.95
N GLU A 771 -3.02 -12.29 -5.82
CA GLU A 771 -2.75 -12.26 -7.23
C GLU A 771 -3.20 -10.93 -7.83
N ILE A 772 -4.27 -10.37 -7.27
CA ILE A 772 -4.80 -9.09 -7.71
C ILE A 772 -3.86 -7.99 -7.17
N LEU A 773 -3.50 -8.14 -5.90
CA LEU A 773 -2.60 -7.23 -5.18
C LEU A 773 -1.21 -7.13 -5.80
N SER A 774 -0.74 -8.24 -6.37
CA SER A 774 0.60 -8.33 -6.97
C SER A 774 0.71 -7.84 -8.43
N ARG A 775 -0.40 -7.33 -8.97
CA ARG A 775 -0.48 -6.82 -10.34
C ARG A 775 -0.47 -5.29 -10.44
N HIS A 776 0.07 -4.80 -11.56
CA HIS A 776 0.11 -3.36 -11.84
C HIS A 776 -1.00 -3.06 -12.83
N ALA A 777 -1.72 -1.97 -12.64
CA ALA A 777 -2.75 -1.60 -13.60
C ALA A 777 -1.96 -1.02 -14.79
N SER A 778 -2.57 -1.01 -15.98
CA SER A 778 -1.88 -0.48 -17.15
C SER A 778 -1.72 1.04 -17.15
N ASP A 779 -2.39 1.70 -16.20
CA ASP A 779 -2.31 3.16 -16.12
C ASP A 779 -1.62 3.64 -14.84
N GLU A 780 -0.84 2.75 -14.24
CA GLU A 780 -0.11 3.09 -13.03
C GLU A 780 0.96 4.16 -13.27
N VAL A 781 1.07 5.11 -12.35
CA VAL A 781 2.07 6.17 -12.44
C VAL A 781 3.19 5.77 -11.48
N TYR A 782 4.34 5.41 -12.03
CA TYR A 782 5.49 4.97 -11.23
C TYR A 782 6.35 6.09 -10.70
N LEU A 783 7.26 5.74 -9.79
CA LEU A 783 8.14 6.71 -9.18
C LEU A 783 9.01 7.33 -10.26
N GLY A 784 9.39 6.49 -11.23
CA GLY A 784 10.24 6.92 -12.32
C GLY A 784 9.81 8.18 -13.05
N GLU A 785 10.26 9.34 -12.55
CA GLU A 785 9.95 10.67 -13.11
C GLU A 785 8.51 10.82 -13.52
N ARG A 786 7.66 9.94 -13.03
CA ARG A 786 6.27 9.99 -13.43
C ARG A 786 5.39 10.91 -12.62
N ASP A 787 4.49 11.58 -13.35
CA ASP A 787 3.48 12.53 -12.86
C ASP A 787 2.48 12.53 -14.02
N ASN A 788 1.31 13.13 -13.85
CA ASN A 788 0.34 13.17 -14.97
C ASN A 788 0.56 14.27 -16.03
N PRO A 789 0.60 15.58 -15.65
CA PRO A 789 0.82 16.60 -16.68
C PRO A 789 1.95 17.58 -16.34
N ASN A 790 1.58 18.83 -16.06
CA ASN A 790 2.52 19.90 -15.66
C ASN A 790 1.95 20.71 -14.49
N TRP A 791 2.12 20.05 -13.35
CA TRP A 791 1.72 20.46 -12.03
C TRP A 791 2.25 21.82 -11.60
N THR A 792 3.25 22.34 -12.27
CA THR A 792 3.79 23.63 -11.88
C THR A 792 4.46 24.41 -13.00
N SER A 793 4.43 25.74 -12.87
CA SER A 793 5.05 26.63 -13.86
C SER A 793 6.47 26.99 -13.40
N ASP A 794 6.85 26.47 -12.24
CA ASP A 794 8.17 26.70 -11.67
C ASP A 794 9.15 25.81 -12.42
N THR A 795 9.87 26.43 -13.35
CA THR A 795 10.86 25.79 -14.18
C THR A 795 11.98 25.10 -13.37
N ARG A 796 12.34 25.69 -12.23
CA ARG A 796 13.39 25.12 -11.38
C ARG A 796 12.97 23.79 -10.76
N ALA A 797 11.69 23.68 -10.39
CA ALA A 797 11.16 22.45 -9.83
C ALA A 797 11.00 21.43 -10.96
N LEU A 798 10.65 21.92 -12.14
CA LEU A 798 10.47 21.07 -13.32
C LEU A 798 11.79 20.40 -13.67
N GLU A 799 12.87 21.17 -13.56
CA GLU A 799 14.18 20.63 -13.87
C GLU A 799 14.67 19.70 -12.77
N ALA A 800 14.37 20.04 -11.52
CA ALA A 800 14.79 19.20 -10.41
C ALA A 800 14.10 17.83 -10.49
N PHE A 801 12.88 17.83 -11.01
CA PHE A 801 12.11 16.61 -11.19
C PHE A 801 12.67 15.81 -12.35
N LYS A 802 13.15 16.52 -13.37
CA LYS A 802 13.73 15.85 -14.53
C LYS A 802 15.02 15.17 -14.09
N ARG A 803 15.68 15.77 -13.11
CA ARG A 803 16.93 15.25 -12.58
C ARG A 803 16.64 14.00 -11.74
N PHE A 804 15.50 14.03 -11.05
CA PHE A 804 15.05 12.92 -10.23
C PHE A 804 14.80 11.70 -11.15
N GLY A 805 14.01 11.92 -12.20
CA GLY A 805 13.75 10.84 -13.13
C GLY A 805 14.99 10.29 -13.79
N ASN A 806 15.99 11.14 -14.01
CA ASN A 806 17.23 10.69 -14.62
C ASN A 806 17.99 9.75 -13.71
N LYS A 807 18.12 10.09 -12.42
CA LYS A 807 18.84 9.22 -11.51
C LYS A 807 18.09 7.90 -11.28
N LEU A 808 16.78 7.92 -11.49
CA LEU A 808 15.93 6.74 -11.37
C LEU A 808 16.24 5.79 -12.52
N ALA A 809 16.57 6.33 -13.69
CA ALA A 809 16.93 5.51 -14.85
C ALA A 809 18.34 4.93 -14.69
N GLN A 810 19.26 5.70 -14.10
CA GLN A 810 20.61 5.17 -13.86
C GLN A 810 20.52 4.02 -12.86
N ILE A 811 19.75 4.24 -11.79
CA ILE A 811 19.55 3.24 -10.74
C ILE A 811 18.97 1.95 -11.32
N GLU A 812 18.03 2.07 -12.25
CA GLU A 812 17.42 0.91 -12.89
C GLU A 812 18.50 0.05 -13.57
N ASN A 813 19.34 0.69 -14.37
CA ASN A 813 20.43 0.02 -15.07
C ASN A 813 21.38 -0.57 -14.03
N LYS A 814 21.70 0.26 -13.03
CA LYS A 814 22.60 -0.10 -11.94
C LYS A 814 22.14 -1.37 -11.22
N LEU A 815 20.82 -1.52 -11.08
CA LEU A 815 20.22 -2.66 -10.38
C LEU A 815 20.19 -3.94 -11.21
N SER A 816 20.10 -3.79 -12.52
CA SER A 816 20.08 -4.93 -13.43
C SER A 816 21.44 -5.63 -13.44
N GLU A 817 22.49 -4.82 -13.47
CA GLU A 817 23.89 -5.28 -13.45
C GLU A 817 24.22 -6.10 -12.19
N ARG A 818 23.58 -5.77 -11.06
CA ARG A 818 23.79 -6.49 -9.80
C ARG A 818 23.14 -7.87 -9.89
N ASN A 819 22.01 -7.94 -10.58
CA ASN A 819 21.29 -9.19 -10.76
C ASN A 819 22.10 -10.15 -11.62
N ASN A 820 22.96 -9.61 -12.48
CA ASN A 820 23.80 -10.42 -13.35
C ASN A 820 25.15 -10.76 -12.74
N ASP A 821 25.45 -10.13 -11.61
CA ASP A 821 26.70 -10.35 -10.90
C ASP A 821 26.64 -11.70 -10.17
N GLU A 822 27.26 -12.71 -10.79
CA GLU A 822 27.30 -14.08 -10.28
C GLU A 822 27.77 -14.25 -8.83
N LYS A 823 28.45 -13.24 -8.31
CA LYS A 823 28.98 -13.29 -6.95
C LYS A 823 27.95 -12.95 -5.88
N LEU A 824 26.83 -12.37 -6.29
CA LEU A 824 25.77 -11.96 -5.37
C LEU A 824 24.59 -12.86 -5.61
N ARG A 825 24.71 -14.12 -5.22
CA ARG A 825 23.60 -15.02 -5.48
C ARG A 825 22.40 -14.96 -4.53
N ASN A 826 22.44 -14.06 -3.55
CA ASN A 826 21.31 -13.88 -2.63
C ASN A 826 20.24 -13.08 -3.40
N ARG A 827 20.62 -12.64 -4.60
CA ARG A 827 19.72 -11.90 -5.48
C ARG A 827 18.86 -12.87 -6.26
N CYS A 828 19.37 -14.08 -6.50
CA CYS A 828 18.65 -15.11 -7.23
C CYS A 828 18.34 -16.33 -6.37
N GLY A 829 19.37 -16.88 -5.72
CA GLY A 829 19.22 -18.05 -4.88
C GLY A 829 19.02 -19.32 -5.69
N PRO A 830 18.72 -20.45 -5.04
CA PRO A 830 18.48 -21.75 -5.69
C PRO A 830 17.26 -21.72 -6.61
N VAL A 831 16.39 -20.77 -6.33
CA VAL A 831 15.16 -20.63 -7.08
C VAL A 831 15.30 -19.85 -8.39
N GLN A 832 16.47 -19.25 -8.62
CA GLN A 832 16.76 -18.47 -9.84
C GLN A 832 15.66 -17.42 -10.05
N MET A 833 15.54 -16.53 -9.08
CA MET A 833 14.53 -15.49 -9.10
C MET A 833 15.23 -14.14 -8.86
N PRO A 834 15.73 -13.50 -9.93
CA PRO A 834 16.41 -12.21 -9.80
C PRO A 834 15.54 -11.22 -9.06
N TYR A 835 16.11 -10.67 -7.98
CA TYR A 835 15.43 -9.70 -7.14
C TYR A 835 15.27 -8.42 -7.93
N THR A 836 14.10 -8.25 -8.51
CA THR A 836 13.85 -7.07 -9.32
C THR A 836 12.71 -6.23 -8.78
N LEU A 837 12.35 -6.54 -7.53
CA LEU A 837 11.27 -5.89 -6.80
C LEU A 837 11.49 -4.38 -6.66
N LEU A 838 12.75 -3.96 -6.62
CA LEU A 838 13.05 -2.54 -6.45
C LEU A 838 13.45 -1.75 -7.71
N LEU A 839 13.14 -2.29 -8.88
CA LEU A 839 13.40 -1.61 -10.13
C LEU A 839 12.25 -0.64 -10.38
N PRO A 840 12.55 0.66 -10.58
CA PRO A 840 11.58 1.74 -10.81
C PRO A 840 10.43 1.48 -11.80
N SER A 841 10.77 1.19 -13.05
CA SER A 841 9.75 0.97 -14.06
C SER A 841 9.27 -0.48 -14.20
N SER A 842 8.08 -0.61 -14.78
CA SER A 842 7.46 -1.89 -15.04
C SER A 842 6.30 -1.76 -16.01
N LYS A 843 5.94 -2.90 -16.61
CA LYS A 843 4.84 -2.98 -17.53
C LYS A 843 3.62 -3.43 -16.73
N GLU A 844 2.49 -3.53 -17.42
CA GLU A 844 1.20 -3.91 -16.86
C GLU A 844 0.97 -5.07 -15.88
N GLY A 845 1.08 -6.31 -16.34
CA GLY A 845 0.78 -7.46 -15.49
C GLY A 845 1.38 -7.74 -14.13
N LEU A 846 1.58 -9.04 -13.91
CA LEU A 846 2.14 -9.58 -12.68
C LEU A 846 3.65 -9.63 -12.87
N THR A 847 4.23 -8.46 -13.02
CA THR A 847 5.68 -8.35 -13.16
C THR A 847 6.18 -8.22 -11.72
N PHE A 848 7.29 -8.91 -11.45
CA PHE A 848 7.90 -8.94 -10.13
C PHE A 848 8.77 -7.69 -9.99
N ARG A 849 8.25 -6.54 -10.42
CA ARG A 849 9.00 -5.28 -10.39
C ARG A 849 8.12 -4.06 -10.41
N GLY A 850 8.74 -2.88 -10.38
CA GLY A 850 7.99 -1.64 -10.46
C GLY A 850 7.60 -0.97 -9.16
N ILE A 851 8.03 0.29 -9.02
CA ILE A 851 7.77 1.10 -7.85
C ILE A 851 6.73 2.20 -8.16
N PRO A 852 5.45 1.97 -7.79
CA PRO A 852 4.39 2.96 -8.04
C PRO A 852 4.64 4.18 -7.15
N ASN A 853 4.12 5.33 -7.56
CA ASN A 853 4.30 6.54 -6.75
C ASN A 853 3.68 6.35 -5.36
N SER A 854 2.60 5.58 -5.29
CA SER A 854 1.89 5.42 -4.03
C SER A 854 1.30 4.04 -3.79
N ILE A 855 0.52 3.95 -2.71
CA ILE A 855 -0.19 2.73 -2.29
C ILE A 855 -1.49 2.78 -3.08
N SER A 856 -1.49 2.14 -4.25
CA SER A 856 -2.66 2.11 -5.13
C SER A 856 -3.40 0.80 -5.05
N ILE A 857 -2.74 -0.22 -4.48
CA ILE A 857 -3.33 -1.54 -4.32
C ILE A 857 -2.72 -2.35 -3.15
#